data_4OUD
#
_entry.id   4OUD
#
_cell.length_a   81.340
_cell.length_b   67.205
_cell.length_c   90.682
_cell.angle_alpha   90.00
_cell.angle_beta   102.65
_cell.angle_gamma   90.00
#
_symmetry.space_group_name_H-M   'P 1 21 1'
#
loop_
_entity.id
_entity.type
_entity.pdbx_description
1 polymer 'Tyrosyl-tRNA synthetase'
2 polymer 'Tyrosyl-tRNA synthetase'
3 non-polymer TYROSINE
4 water water
#
loop_
_entity_poly.entity_id
_entity_poly.type
_entity_poly.pdbx_seq_one_letter_code
_entity_poly.pdbx_strand_id
1 'polypeptide(L)'
;GPASSNLIKQLQERGLVAQVTDEEALAERLAQGPIALYCGFDPTADSLHAGHLVPLLCLKRFQQAGHKPVALVGGATGLI
GDPSFKAAERKLNTEETVQEWVDKIRKQVAPFLDFDCGENSAIAANNYDWFGNMNVLTFLRDIGKHFSVNQMINKEAVKQ
RLNREDQGISFTEFSYNLLQGYDFACLNKQYGVVLQIGGSDQWGNITSGIDLTRRLHQNQVFGLTVPLITKADGTKAGKT
EGGAVWLDPKKTSPYKFYQFAINAADADVYRWLKFGTFMSIEEINALEEEDKNSGKAPRAQYV(BIF)AEQVTRLVHGEE
GLQAAKRITECLFSGSLSALSEADFEQLAQDGVPMVEMEKGADLMQALVDSELQPSRGQARKTIASNAITINGEKQSDPE
YFFKEEDRLFGRFTLLRRGKKNYCLICWK
;
A
2 'polypeptide(L)'
;GPASSNLIKQLQERGLVAQVTDEEALAERLAQGPIALYCGFDPTADSLHAGHLVPLLCLKRFQQAGHKPVALVGGATGLI
GDPSFKAAERKLNTEETVQEWVDKIRKQVAPFLDFDCGENSAIAANNYDWFGNMNVLTFLRDIGKHFSVNQMINKEAVKQ
RLNREDQGISFTEFSYNLLQGYDFACLNKQYGVVLQIGGSDQWGNITSGIDLTRRLHQNQVFGLTVPLITKADGTKAGKT
EGGAVWLDPKKTSPYKFYQFAINAADADVYRWLKFGTFMSIEEINALEEEDKNSGKAPRAQYV(BIF)AEQVTRLVHGEE
GLQAAKRITECLFSGSLSALSEADFEQLAQDGVPMVEME(UNK)(UNK)(UNK)(UNK)(UNK)(UNK)(UNK)(UNK)
(UNK)(UNK)(UNK)(UNK)(UNK)(UNK)(UNK)(UNK)(UNK)RLFGRFTLLRRGKKNYCLICWK
;
B
#
# COMPACT_ATOMS: atom_id res chain seq x y z
N SER A 5 -43.14 -3.96 4.01
CA SER A 5 -41.77 -3.98 4.61
C SER A 5 -40.73 -4.22 3.52
N ASN A 6 -40.47 -3.17 2.75
CA ASN A 6 -39.33 -3.13 1.86
C ASN A 6 -38.31 -2.26 2.57
N LEU A 7 -37.27 -2.92 3.08
CA LEU A 7 -36.28 -2.26 3.91
C LEU A 7 -35.59 -1.12 3.17
N ILE A 8 -35.23 -1.33 1.92
CA ILE A 8 -34.55 -0.30 1.14
C ILE A 8 -35.45 0.89 0.90
N LYS A 9 -36.73 0.63 0.67
CA LYS A 9 -37.68 1.70 0.47
C LYS A 9 -37.77 2.56 1.74
N GLN A 10 -37.91 1.92 2.91
CA GLN A 10 -37.95 2.67 4.22
C GLN A 10 -36.70 3.49 4.52
N LEU A 11 -35.53 2.89 4.32
CA LEU A 11 -34.26 3.55 4.55
C LEU A 11 -34.15 4.76 3.68
N GLN A 12 -34.60 4.65 2.45
CA GLN A 12 -34.64 5.82 1.57
C GLN A 12 -35.58 6.88 2.11
N GLU A 13 -36.73 6.46 2.62
CA GLU A 13 -37.68 7.38 3.26
C GLU A 13 -37.06 8.17 4.44
N ARG A 14 -36.20 7.49 5.20
CA ARG A 14 -35.51 8.14 6.29
C ARG A 14 -34.32 9.00 5.84
N GLY A 15 -34.07 9.12 4.53
CA GLY A 15 -32.90 9.89 4.06
C GLY A 15 -31.58 9.18 4.31
N LEU A 16 -31.65 7.89 4.61
CA LEU A 16 -30.49 7.13 5.00
C LEU A 16 -29.64 6.55 3.87
N VAL A 17 -30.10 6.57 2.63
CA VAL A 17 -29.35 5.91 1.55
C VAL A 17 -28.64 6.96 0.73
N ALA A 18 -27.37 7.12 0.99
CA ALA A 18 -26.58 8.06 0.25
C ALA A 18 -26.40 7.57 -1.17
N GLN A 19 -25.89 6.33 -1.30
CA GLN A 19 -25.98 5.53 -2.53
C GLN A 19 -25.98 4.01 -2.28
N VAL A 20 -26.27 3.27 -3.34
CA VAL A 20 -26.49 1.85 -3.24
C VAL A 20 -26.29 1.29 -4.61
N THR A 21 -25.73 0.09 -4.65
CA THR A 21 -25.42 -0.56 -5.90
C THR A 21 -26.58 -1.47 -6.26
N ASP A 22 -26.99 -1.43 -7.52
CA ASP A 22 -27.88 -2.42 -8.06
C ASP A 22 -29.07 -2.60 -7.15
N GLU A 23 -29.79 -1.52 -6.99
CA GLU A 23 -30.77 -1.41 -5.94
C GLU A 23 -31.86 -2.49 -6.01
N GLU A 24 -32.38 -2.75 -7.20
CA GLU A 24 -33.60 -3.55 -7.35
C GLU A 24 -33.21 -4.94 -6.97
N ALA A 25 -32.04 -5.32 -7.46
CA ALA A 25 -31.43 -6.60 -7.14
C ALA A 25 -31.17 -6.80 -5.63
N LEU A 26 -30.83 -5.73 -4.93
CA LEU A 26 -30.71 -5.78 -3.50
C LEU A 26 -32.10 -5.88 -2.83
N ALA A 27 -33.06 -5.06 -3.23
CA ALA A 27 -34.40 -5.12 -2.63
C ALA A 27 -34.99 -6.54 -2.73
N GLU A 28 -34.87 -7.13 -3.91
CA GLU A 28 -35.33 -8.50 -4.12
C GLU A 28 -34.62 -9.42 -3.15
N ARG A 29 -33.30 -9.38 -3.11
CA ARG A 29 -32.51 -10.26 -2.26
C ARG A 29 -32.94 -10.23 -0.80
N LEU A 30 -33.18 -9.05 -0.24
CA LEU A 30 -33.62 -8.96 1.16
C LEU A 30 -35.01 -9.55 1.34
N ALA A 31 -35.94 -9.15 0.46
CA ALA A 31 -37.32 -9.66 0.43
C ALA A 31 -37.41 -11.19 0.33
N GLN A 32 -36.37 -11.83 -0.24
CA GLN A 32 -36.28 -13.29 -0.26
C GLN A 32 -35.96 -13.91 1.10
N GLY A 33 -35.53 -13.11 2.06
CA GLY A 33 -35.12 -13.66 3.35
C GLY A 33 -33.86 -13.04 3.94
N PRO A 34 -33.48 -13.53 5.11
CA PRO A 34 -32.44 -12.80 5.82
C PRO A 34 -31.13 -13.00 5.15
N ILE A 35 -30.30 -11.97 5.19
CA ILE A 35 -28.96 -11.96 4.67
C ILE A 35 -28.06 -11.58 5.80
N ALA A 36 -26.78 -11.78 5.60
CA ALA A 36 -25.79 -11.26 6.49
C ALA A 36 -25.20 -10.04 5.80
N LEU A 37 -24.85 -9.03 6.61
CA LEU A 37 -24.34 -7.74 6.12
C LEU A 37 -23.27 -7.31 7.08
N TYR A 38 -22.39 -6.39 6.68
CA TYR A 38 -21.48 -5.84 7.66
C TYR A 38 -21.15 -4.40 7.51
N CYS A 39 -20.54 -3.90 8.56
CA CYS A 39 -19.97 -2.58 8.52
C CYS A 39 -18.76 -2.68 9.42
N GLY A 40 -17.72 -1.94 9.10
CA GLY A 40 -16.50 -2.06 9.85
C GLY A 40 -16.17 -0.73 10.43
N PHE A 41 -15.49 -0.77 11.58
CA PHE A 41 -15.14 0.47 12.27
C PHE A 41 -13.68 0.39 12.60
N ASP A 42 -12.94 1.39 12.17
CA ASP A 42 -11.50 1.44 12.46
C ASP A 42 -11.18 2.03 13.82
N PRO A 43 -10.15 1.49 14.49
CA PRO A 43 -9.58 2.08 15.72
C PRO A 43 -8.56 3.22 15.50
N THR A 44 -9.08 4.39 15.14
CA THR A 44 -8.32 5.63 15.04
C THR A 44 -8.50 6.52 16.33
N ALA A 45 -9.23 6.00 17.31
CA ALA A 45 -9.33 6.60 18.60
C ALA A 45 -9.84 5.53 19.55
N ASP A 46 -9.89 5.85 20.84
CA ASP A 46 -10.40 4.94 21.86
C ASP A 46 -11.93 4.91 21.92
N SER A 47 -12.60 5.70 21.09
CA SER A 47 -14.03 5.70 21.07
C SER A 47 -14.55 6.04 19.68
N LEU A 48 -15.80 5.70 19.47
CA LEU A 48 -16.57 6.12 18.32
C LEU A 48 -17.18 7.44 18.69
N HIS A 49 -17.58 8.19 17.68
CA HIS A 49 -18.28 9.44 17.86
C HIS A 49 -19.68 9.33 17.27
N ALA A 50 -20.42 10.42 17.41
CA ALA A 50 -21.84 10.47 17.11
C ALA A 50 -22.15 10.19 15.63
N GLY A 51 -21.26 10.60 14.75
CA GLY A 51 -21.24 10.20 13.37
C GLY A 51 -21.42 8.71 13.13
N HIS A 52 -20.61 7.88 13.78
CA HIS A 52 -20.68 6.45 13.53
C HIS A 52 -22.01 5.87 13.87
N LEU A 53 -22.76 6.57 14.72
CA LEU A 53 -24.09 6.12 15.01
C LEU A 53 -24.88 5.78 13.76
N VAL A 54 -24.77 6.57 12.71
CA VAL A 54 -25.61 6.36 11.52
C VAL A 54 -25.47 4.93 10.97
N PRO A 55 -24.25 4.53 10.57
CA PRO A 55 -24.13 3.14 10.09
C PRO A 55 -24.47 2.12 11.15
N LEU A 56 -24.09 2.44 12.37
CA LEU A 56 -24.26 1.51 13.48
C LEU A 56 -25.72 1.16 13.70
N LEU A 57 -26.53 2.20 13.85
CA LEU A 57 -27.93 2.00 14.09
C LEU A 57 -28.52 1.41 12.90
N CYS A 58 -28.02 1.79 11.73
CA CYS A 58 -28.51 1.22 10.50
C CYS A 58 -28.42 -0.31 10.47
N LEU A 59 -27.32 -0.87 11.01
CA LEU A 59 -27.23 -2.31 11.24
C LEU A 59 -28.27 -2.85 12.22
N LYS A 60 -28.61 -2.05 13.23
CA LYS A 60 -29.70 -2.44 14.14
C LYS A 60 -31.06 -2.50 13.38
N ARG A 61 -31.32 -1.58 12.47
CA ARG A 61 -32.57 -1.62 11.71
C ARG A 61 -32.55 -2.82 10.76
N PHE A 62 -31.37 -3.17 10.30
CA PHE A 62 -31.23 -4.35 9.48
C PHE A 62 -31.48 -5.59 10.32
N GLN A 63 -30.94 -5.60 11.53
CA GLN A 63 -31.21 -6.72 12.42
C GLN A 63 -32.68 -6.78 12.90
N GLN A 64 -33.34 -5.62 13.08
CA GLN A 64 -34.76 -5.60 13.46
C GLN A 64 -35.60 -6.19 12.36
N ALA A 65 -35.12 -6.09 11.14
CA ALA A 65 -35.80 -6.68 10.00
C ALA A 65 -35.47 -8.17 9.77
N GLY A 66 -34.81 -8.83 10.72
CA GLY A 66 -34.41 -10.24 10.56
C GLY A 66 -33.03 -10.54 9.97
N HIS A 67 -32.27 -9.52 9.55
CA HIS A 67 -30.96 -9.74 8.93
C HIS A 67 -29.88 -9.92 9.96
N LYS A 68 -28.71 -10.37 9.54
CA LYS A 68 -27.65 -10.67 10.48
C LYS A 68 -26.46 -9.72 10.32
N PRO A 69 -26.25 -8.76 11.26
CA PRO A 69 -25.16 -7.82 11.16
C PRO A 69 -23.83 -8.39 11.65
N VAL A 70 -22.77 -8.12 10.92
CA VAL A 70 -21.45 -8.36 11.40
C VAL A 70 -20.76 -7.01 11.64
N ALA A 71 -20.26 -6.79 12.84
CA ALA A 71 -19.50 -5.60 13.14
C ALA A 71 -18.01 -5.92 13.15
N LEU A 72 -17.34 -5.46 12.10
CA LEU A 72 -15.93 -5.70 11.96
C LEU A 72 -15.17 -4.57 12.62
N VAL A 73 -14.12 -4.92 13.35
CA VAL A 73 -13.26 -3.94 13.98
C VAL A 73 -11.85 -4.07 13.38
N GLY A 74 -11.29 -2.92 13.00
CA GLY A 74 -10.14 -2.87 12.15
C GLY A 74 -8.84 -3.15 12.84
N GLY A 75 -8.73 -4.29 13.50
CA GLY A 75 -7.48 -4.62 14.12
C GLY A 75 -6.32 -4.37 13.17
N ALA A 76 -6.53 -4.72 11.90
CA ALA A 76 -5.50 -4.69 10.93
C ALA A 76 -5.46 -3.32 10.26
N THR A 77 -6.62 -2.86 9.75
CA THR A 77 -6.79 -1.57 9.01
C THR A 77 -6.37 -0.37 9.87
N GLY A 78 -6.57 -0.49 11.17
CA GLY A 78 -6.13 0.49 12.14
C GLY A 78 -4.64 0.62 12.16
N LEU A 79 -3.90 -0.41 11.74
CA LEU A 79 -2.44 -0.30 11.73
C LEU A 79 -1.93 0.39 10.47
N ILE A 80 -2.87 0.80 9.59
CA ILE A 80 -2.62 1.23 8.17
C ILE A 80 -3.17 2.64 7.82
N GLY A 81 -4.44 2.90 8.13
CA GLY A 81 -4.98 4.24 7.99
C GLY A 81 -5.78 4.43 6.72
N ASP A 82 -7.05 4.77 6.87
CA ASP A 82 -7.89 5.03 5.73
C ASP A 82 -7.65 6.47 5.25
N PRO A 83 -7.08 6.62 4.04
CA PRO A 83 -6.87 7.95 3.47
C PRO A 83 -8.13 8.56 2.91
N SER A 84 -9.23 7.79 2.90
CA SER A 84 -10.43 8.17 2.16
C SER A 84 -10.88 9.55 2.58
N PHE A 85 -10.79 10.48 1.62
CA PHE A 85 -11.26 11.88 1.77
C PHE A 85 -10.56 12.73 2.86
N LYS A 86 -9.41 12.28 3.38
CA LYS A 86 -8.60 13.06 4.31
C LYS A 86 -7.51 13.72 3.47
N ALA A 87 -7.24 15.00 3.72
CA ALA A 87 -6.22 15.73 2.95
C ALA A 87 -4.79 15.48 3.49
N ALA A 88 -4.69 15.02 4.73
CA ALA A 88 -3.41 14.85 5.39
C ALA A 88 -3.13 13.40 5.68
N GLU A 89 -1.86 13.05 5.52
CA GLU A 89 -1.34 11.74 5.83
C GLU A 89 -1.32 11.56 7.36
N ARG A 90 -1.93 10.46 7.81
CA ARG A 90 -2.02 10.09 9.22
C ARG A 90 -0.68 9.54 9.68
N LYS A 91 -0.28 9.85 10.91
CA LYS A 91 0.83 9.13 11.53
C LYS A 91 0.36 7.71 11.82
N LEU A 92 1.25 6.74 11.75
CA LEU A 92 0.88 5.38 12.11
C LEU A 92 0.68 5.32 13.62
N ASN A 93 -0.19 4.44 14.08
CA ASN A 93 -0.24 4.19 15.52
C ASN A 93 0.44 2.88 15.89
N THR A 94 0.77 2.83 17.16
CA THR A 94 1.38 1.71 17.84
C THR A 94 0.47 0.47 17.84
N GLU A 95 1.10 -0.69 17.78
CA GLU A 95 0.38 -1.95 17.75
C GLU A 95 -0.33 -2.20 19.06
N GLU A 96 0.26 -1.70 20.15
CA GLU A 96 -0.26 -1.84 21.51
C GLU A 96 -1.36 -0.83 21.82
N THR A 97 -1.23 0.36 21.22
CA THR A 97 -2.23 1.40 21.34
C THR A 97 -3.45 1.05 20.49
N VAL A 98 -3.23 0.64 19.26
CA VAL A 98 -4.34 0.13 18.43
C VAL A 98 -5.23 -0.99 19.08
N GLN A 99 -4.62 -2.05 19.66
CA GLN A 99 -5.37 -3.16 20.35
C GLN A 99 -6.16 -2.69 21.57
N GLU A 100 -5.56 -1.79 22.32
CA GLU A 100 -6.29 -1.03 23.34
C GLU A 100 -7.60 -0.47 22.77
N TRP A 101 -7.48 0.29 21.69
CA TRP A 101 -8.64 0.89 21.04
C TRP A 101 -9.62 -0.14 20.47
N VAL A 102 -9.10 -1.26 19.97
CA VAL A 102 -9.90 -2.33 19.42
C VAL A 102 -10.87 -2.87 20.46
N ASP A 103 -10.36 -3.21 21.62
CA ASP A 103 -11.18 -3.92 22.58
C ASP A 103 -12.24 -2.98 23.11
N LYS A 104 -11.83 -1.73 23.29
CA LYS A 104 -12.71 -0.63 23.68
C LYS A 104 -13.84 -0.41 22.70
N ILE A 105 -13.49 -0.24 21.44
CA ILE A 105 -14.49 -0.05 20.40
C ILE A 105 -15.35 -1.28 20.23
N ARG A 106 -14.77 -2.48 20.26
CA ARG A 106 -15.61 -3.66 20.19
C ARG A 106 -16.65 -3.52 21.27
N LYS A 107 -16.19 -3.13 22.45
CA LYS A 107 -17.03 -3.07 23.62
C LYS A 107 -18.12 -2.07 23.50
N GLN A 108 -17.84 -0.88 22.99
CA GLN A 108 -18.96 0.03 22.86
C GLN A 108 -19.87 -0.25 21.65
N VAL A 109 -19.41 -1.03 20.69
CA VAL A 109 -20.29 -1.44 19.61
C VAL A 109 -21.38 -2.34 20.12
N ALA A 110 -21.03 -3.17 21.09
CA ALA A 110 -21.79 -4.41 21.35
C ALA A 110 -23.22 -4.19 21.83
N PRO A 111 -23.41 -3.20 22.72
CA PRO A 111 -24.76 -2.93 23.25
C PRO A 111 -25.81 -2.54 22.23
N PHE A 112 -25.41 -2.14 21.03
CA PHE A 112 -26.37 -1.66 20.06
C PHE A 112 -26.91 -2.77 19.25
N LEU A 113 -26.32 -3.95 19.37
CA LEU A 113 -26.78 -5.10 18.58
C LEU A 113 -27.03 -6.34 19.42
N ASP A 114 -27.95 -7.19 18.97
CA ASP A 114 -28.35 -8.37 19.69
C ASP A 114 -27.46 -9.54 19.35
N PHE A 115 -26.63 -9.94 20.31
CA PHE A 115 -25.74 -11.07 20.11
C PHE A 115 -26.36 -12.40 20.53
N ASP A 116 -27.67 -12.42 20.78
CA ASP A 116 -28.33 -13.60 21.37
C ASP A 116 -29.80 -13.75 20.91
N CYS A 117 -30.04 -13.64 19.61
CA CYS A 117 -31.38 -13.64 19.08
C CYS A 117 -31.48 -14.75 18.06
N GLY A 118 -30.76 -15.83 18.32
CA GLY A 118 -30.81 -17.01 17.47
C GLY A 118 -29.88 -16.90 16.26
N GLU A 119 -30.47 -16.98 15.08
CA GLU A 119 -29.70 -17.22 13.86
C GLU A 119 -29.15 -15.90 13.29
N ASN A 120 -29.95 -14.85 13.32
CA ASN A 120 -29.52 -13.53 12.87
C ASN A 120 -28.74 -12.77 13.97
N SER A 121 -28.40 -13.48 15.02
CA SER A 121 -27.62 -12.97 16.13
C SER A 121 -26.33 -12.31 15.64
N ALA A 122 -25.92 -11.21 16.28
CA ALA A 122 -24.77 -10.42 15.80
C ALA A 122 -23.46 -11.15 15.94
N ILE A 123 -22.46 -10.68 15.18
CA ILE A 123 -21.11 -11.20 15.23
C ILE A 123 -20.10 -10.08 15.22
N ALA A 124 -19.17 -10.13 16.16
CA ALA A 124 -18.01 -9.26 16.14
C ALA A 124 -16.96 -9.88 15.22
N ALA A 125 -16.31 -9.06 14.41
CA ALA A 125 -15.19 -9.57 13.63
C ALA A 125 -14.00 -8.64 13.71
N ASN A 126 -12.83 -9.19 13.43
CA ASN A 126 -11.59 -8.42 13.46
C ASN A 126 -10.73 -8.87 12.24
N ASN A 127 -10.49 -7.96 11.33
CA ASN A 127 -9.73 -8.31 10.14
C ASN A 127 -8.28 -8.59 10.42
N TYR A 128 -7.81 -8.34 11.63
CA TYR A 128 -6.51 -8.88 12.07
C TYR A 128 -6.46 -10.40 12.04
N ASP A 129 -7.62 -11.05 12.08
CA ASP A 129 -7.65 -12.49 12.04
C ASP A 129 -7.13 -13.01 10.73
N TRP A 130 -7.30 -12.24 9.65
CA TRP A 130 -6.74 -12.62 8.35
C TRP A 130 -5.50 -11.81 7.93
N PHE A 131 -5.41 -10.53 8.22
CA PHE A 131 -4.19 -9.84 7.79
C PHE A 131 -3.03 -10.01 8.75
N GLY A 132 -3.33 -10.31 10.01
CA GLY A 132 -2.30 -10.37 11.09
C GLY A 132 -1.19 -11.38 10.86
N ASN A 133 -1.50 -12.43 10.11
CA ASN A 133 -0.52 -13.42 9.81
C ASN A 133 -0.36 -13.68 8.30
N MET A 134 -0.81 -12.77 7.44
CA MET A 134 -0.77 -13.02 6.00
C MET A 134 0.57 -12.62 5.44
N ASN A 135 1.22 -13.53 4.72
CA ASN A 135 2.52 -13.21 4.15
C ASN A 135 2.36 -12.12 3.09
N VAL A 136 3.37 -11.26 2.99
CA VAL A 136 3.29 -10.18 2.04
C VAL A 136 3.20 -10.67 0.61
N LEU A 137 3.95 -11.71 0.27
CA LEU A 137 3.95 -12.22 -1.11
C LEU A 137 2.62 -12.85 -1.43
N THR A 138 2.05 -13.55 -0.47
CA THR A 138 0.70 -14.07 -0.59
C THR A 138 -0.32 -12.97 -0.88
N PHE A 139 -0.19 -11.88 -0.17
CA PHE A 139 -1.07 -10.75 -0.38
C PHE A 139 -0.91 -10.18 -1.77
N LEU A 140 0.32 -10.01 -2.19
CA LEU A 140 0.56 -9.31 -3.44
C LEU A 140 0.09 -10.17 -4.58
N ARG A 141 0.25 -11.47 -4.41
CA ARG A 141 -0.10 -12.44 -5.45
C ARG A 141 -1.62 -12.61 -5.52
N ASP A 142 -2.22 -12.97 -4.41
CA ASP A 142 -3.62 -13.35 -4.46
C ASP A 142 -4.60 -12.17 -4.53
N ILE A 143 -4.24 -11.01 -3.95
CA ILE A 143 -5.13 -9.87 -3.92
C ILE A 143 -4.64 -8.74 -4.80
N GLY A 144 -3.34 -8.46 -4.79
CA GLY A 144 -2.81 -7.28 -5.51
C GLY A 144 -2.80 -7.22 -7.04
N LYS A 145 -2.75 -8.37 -7.70
CA LYS A 145 -2.90 -8.41 -9.16
C LYS A 145 -4.29 -7.97 -9.64
N HIS A 146 -5.32 -8.31 -8.88
CA HIS A 146 -6.70 -7.90 -9.21
C HIS A 146 -6.96 -6.41 -9.09
N PHE A 147 -5.93 -5.64 -8.72
CA PHE A 147 -6.08 -4.20 -8.59
C PHE A 147 -5.25 -3.44 -9.60
N SER A 148 -5.80 -2.35 -10.11
CA SER A 148 -5.07 -1.61 -11.14
C SER A 148 -4.79 -0.21 -10.63
N VAL A 149 -3.53 0.20 -10.73
CA VAL A 149 -3.11 1.47 -10.19
C VAL A 149 -3.94 2.58 -10.81
N ASN A 150 -4.11 2.49 -12.12
CA ASN A 150 -4.97 3.40 -12.84
C ASN A 150 -6.29 3.55 -12.16
N GLN A 151 -7.05 2.47 -12.12
CA GLN A 151 -8.33 2.53 -11.44
C GLN A 151 -8.18 3.06 -10.00
N MET A 152 -7.11 2.67 -9.29
CA MET A 152 -6.90 3.11 -7.90
C MET A 152 -6.71 4.61 -7.72
N ILE A 153 -5.81 5.19 -8.51
CA ILE A 153 -5.56 6.66 -8.52
C ILE A 153 -6.82 7.48 -8.85
N ASN A 154 -7.63 6.95 -9.76
CA ASN A 154 -8.83 7.63 -10.16
C ASN A 154 -10.01 7.63 -9.18
N LYS A 155 -9.95 6.84 -8.11
CA LYS A 155 -11.08 6.84 -7.16
C LYS A 155 -11.11 8.17 -6.45
N GLU A 156 -12.33 8.63 -6.21
CA GLU A 156 -12.64 9.98 -5.74
C GLU A 156 -11.97 10.35 -4.42
N ALA A 157 -11.90 9.41 -3.48
CA ALA A 157 -11.27 9.65 -2.18
C ALA A 157 -9.79 10.04 -2.30
N VAL A 158 -8.98 9.14 -2.87
CA VAL A 158 -7.53 9.37 -2.97
C VAL A 158 -7.13 10.32 -4.11
N LYS A 159 -8.04 10.61 -5.03
CA LYS A 159 -7.80 11.51 -6.17
C LYS A 159 -7.20 12.85 -5.78
N GLN A 160 -7.77 13.49 -4.77
CA GLN A 160 -7.24 14.80 -4.31
C GLN A 160 -5.87 14.75 -3.59
N ARG A 161 -5.55 13.63 -2.97
CA ARG A 161 -4.23 13.45 -2.38
C ARG A 161 -3.14 13.35 -3.47
N LEU A 162 -3.52 12.89 -4.66
CA LEU A 162 -2.56 12.64 -5.73
C LEU A 162 -2.19 13.86 -6.59
N ASN A 163 -3.15 14.72 -6.94
CA ASN A 163 -2.77 16.02 -7.52
C ASN A 163 -1.92 16.80 -6.49
N ARG A 164 -0.91 17.44 -7.05
CA ARG A 164 0.44 16.87 -6.99
C ARG A 164 1.30 16.80 -5.72
N GLU A 165 1.50 17.92 -5.01
CA GLU A 165 2.26 17.83 -3.75
C GLU A 165 1.93 18.89 -2.68
N ASP A 166 0.70 19.42 -2.73
CA ASP A 166 0.07 20.06 -1.56
C ASP A 166 0.12 19.07 -0.37
N GLN A 167 -0.32 17.85 -0.63
CA GLN A 167 -0.05 16.69 0.22
C GLN A 167 0.08 15.45 -0.65
N GLY A 168 0.81 14.45 -0.16
CA GLY A 168 0.95 13.18 -0.85
C GLY A 168 0.26 12.06 -0.10
N ILE A 169 0.31 10.86 -0.67
CA ILE A 169 -0.19 9.68 0.01
C ILE A 169 0.90 8.60 0.01
N SER A 170 1.07 7.98 1.18
CA SER A 170 1.99 6.85 1.31
C SER A 170 1.42 5.63 0.62
N PHE A 171 2.29 4.81 0.06
CA PHE A 171 1.94 3.51 -0.45
C PHE A 171 1.11 2.68 0.53
N THR A 172 1.34 2.93 1.83
CA THR A 172 0.59 2.32 2.90
C THR A 172 -0.89 2.63 2.90
N GLU A 173 -1.19 3.92 2.84
CA GLU A 173 -2.59 4.38 2.85
C GLU A 173 -3.28 4.05 1.53
N PHE A 174 -2.47 4.02 0.46
CA PHE A 174 -2.91 3.60 -0.86
C PHE A 174 -3.32 2.12 -0.84
N SER A 175 -2.58 1.33 -0.09
CA SER A 175 -2.84 -0.10 0.06
C SER A 175 -4.16 -0.30 0.71
N TYR A 176 -4.53 0.64 1.56
CA TYR A 176 -5.69 0.49 2.44
C TYR A 176 -6.91 -0.02 1.72
N ASN A 177 -7.25 0.60 0.60
CA ASN A 177 -8.36 0.13 -0.25
C ASN A 177 -8.39 -1.38 -0.53
N LEU A 178 -7.26 -1.96 -0.83
CA LEU A 178 -7.21 -3.40 -1.04
C LEU A 178 -7.63 -4.19 0.21
N LEU A 179 -7.27 -3.71 1.40
CA LEU A 179 -7.53 -4.48 2.61
C LEU A 179 -9.00 -4.49 2.93
N GLN A 180 -9.67 -3.38 2.65
CA GLN A 180 -11.12 -3.31 2.85
C GLN A 180 -11.83 -4.09 1.76
N GLY A 181 -11.26 -4.11 0.57
CA GLY A 181 -11.84 -4.94 -0.47
C GLY A 181 -11.81 -6.40 -0.08
N TYR A 182 -10.66 -6.87 0.40
CA TYR A 182 -10.55 -8.26 0.78
C TYR A 182 -11.34 -8.62 2.02
N ASP A 183 -11.55 -7.67 2.93
CA ASP A 183 -12.44 -7.91 4.09
C ASP A 183 -13.79 -8.38 3.64
N PHE A 184 -14.31 -7.74 2.60
CA PHE A 184 -15.64 -8.03 2.09
C PHE A 184 -15.66 -9.47 1.58
N ALA A 185 -14.63 -9.84 0.83
CA ALA A 185 -14.60 -11.15 0.21
C ALA A 185 -14.46 -12.17 1.28
N CYS A 186 -13.52 -11.89 2.16
CA CYS A 186 -13.23 -12.81 3.23
C CYS A 186 -14.50 -13.04 4.10
N LEU A 187 -15.33 -12.00 4.27
CA LEU A 187 -16.57 -12.14 5.05
C LEU A 187 -17.70 -12.78 4.25
N ASN A 188 -17.74 -12.52 2.95
CA ASN A 188 -18.60 -13.26 2.08
C ASN A 188 -18.36 -14.78 2.15
N LYS A 189 -17.11 -15.19 2.16
CA LYS A 189 -16.79 -16.61 2.27
C LYS A 189 -17.06 -17.17 3.67
N GLN A 190 -16.70 -16.41 4.68
CA GLN A 190 -16.68 -16.91 6.02
C GLN A 190 -18.06 -16.96 6.58
N TYR A 191 -18.81 -15.87 6.40
CA TYR A 191 -20.15 -15.79 6.98
C TYR A 191 -21.26 -15.58 5.98
N GLY A 192 -20.99 -15.65 4.68
CA GLY A 192 -22.02 -15.43 3.67
C GLY A 192 -22.58 -14.02 3.69
N VAL A 193 -21.73 -13.06 4.10
CA VAL A 193 -22.10 -11.67 4.02
C VAL A 193 -22.24 -11.31 2.56
N VAL A 194 -23.34 -10.61 2.21
CA VAL A 194 -23.60 -10.12 0.85
C VAL A 194 -23.92 -8.65 0.72
N LEU A 195 -23.86 -7.92 1.83
CA LEU A 195 -24.04 -6.47 1.83
C LEU A 195 -23.02 -5.85 2.76
N GLN A 196 -22.38 -4.76 2.33
CA GLN A 196 -21.58 -3.94 3.21
C GLN A 196 -22.21 -2.57 3.31
N ILE A 197 -22.48 -2.08 4.52
CA ILE A 197 -22.84 -0.66 4.67
C ILE A 197 -21.72 0.10 5.34
N GLY A 198 -21.76 1.42 5.14
CA GLY A 198 -20.73 2.34 5.59
C GLY A 198 -21.15 3.78 5.29
N GLY A 199 -20.34 4.74 5.76
CA GLY A 199 -20.60 6.16 5.55
C GLY A 199 -20.37 6.51 4.08
N SER A 200 -20.88 7.65 3.66
CA SER A 200 -20.84 8.03 2.25
C SER A 200 -19.38 8.09 1.74
N ASP A 201 -18.46 8.38 2.62
CA ASP A 201 -17.06 8.49 2.23
C ASP A 201 -16.42 7.13 1.90
N GLN A 202 -17.17 6.04 2.07
CA GLN A 202 -16.62 4.70 1.94
C GLN A 202 -17.05 3.99 0.64
N TRP A 203 -17.74 4.70 -0.22
CA TRP A 203 -18.20 4.12 -1.46
C TRP A 203 -17.08 3.38 -2.17
N GLY A 204 -15.97 4.05 -2.40
CA GLY A 204 -14.89 3.50 -3.19
C GLY A 204 -14.44 2.21 -2.58
N ASN A 205 -14.36 2.17 -1.26
CA ASN A 205 -13.76 1.01 -0.59
C ASN A 205 -14.69 -0.19 -0.64
N ILE A 206 -15.98 0.12 -0.54
CA ILE A 206 -17.07 -0.82 -0.70
C ILE A 206 -17.07 -1.43 -2.11
N THR A 207 -16.91 -0.61 -3.13
CA THR A 207 -17.02 -1.11 -4.51
C THR A 207 -15.83 -1.98 -4.91
N SER A 208 -14.65 -1.67 -4.39
CA SER A 208 -13.49 -2.52 -4.65
C SER A 208 -13.73 -3.89 -4.10
N GLY A 209 -14.42 -3.96 -2.96
CA GLY A 209 -14.75 -5.23 -2.34
C GLY A 209 -15.84 -5.99 -3.07
N ILE A 210 -16.83 -5.27 -3.59
CA ILE A 210 -17.78 -5.92 -4.46
C ILE A 210 -17.03 -6.56 -5.64
N ASP A 211 -16.24 -5.75 -6.32
CA ASP A 211 -15.52 -6.23 -7.50
C ASP A 211 -14.61 -7.42 -7.20
N LEU A 212 -13.85 -7.33 -6.12
CA LEU A 212 -12.92 -8.39 -5.74
C LEU A 212 -13.64 -9.67 -5.34
N THR A 213 -14.82 -9.55 -4.77
CA THR A 213 -15.61 -10.70 -4.37
C THR A 213 -16.06 -11.44 -5.61
N ARG A 214 -16.36 -10.72 -6.69
CA ARG A 214 -16.68 -11.35 -7.97
C ARG A 214 -15.54 -12.26 -8.44
N ARG A 215 -14.33 -11.70 -8.43
CA ARG A 215 -13.16 -12.37 -8.94
C ARG A 215 -12.65 -13.47 -8.05
N LEU A 216 -12.86 -13.34 -6.75
CA LEU A 216 -12.39 -14.37 -5.84
C LEU A 216 -13.39 -15.51 -5.68
N HIS A 217 -14.66 -15.18 -5.55
CA HIS A 217 -15.63 -16.17 -5.17
C HIS A 217 -16.74 -16.34 -6.18
N GLN A 218 -16.81 -15.49 -7.19
CA GLN A 218 -17.89 -15.55 -8.20
C GLN A 218 -19.28 -15.36 -7.60
N ASN A 219 -19.37 -14.61 -6.50
CA ASN A 219 -20.65 -14.18 -5.95
C ASN A 219 -20.95 -12.74 -6.26
N GLN A 220 -22.23 -12.41 -6.29
CA GLN A 220 -22.64 -11.03 -6.40
C GLN A 220 -22.89 -10.51 -4.98
N VAL A 221 -22.32 -9.36 -4.63
CA VAL A 221 -22.61 -8.70 -3.34
C VAL A 221 -22.85 -7.19 -3.47
N PHE A 222 -23.58 -6.63 -2.51
CA PHE A 222 -24.10 -5.26 -2.62
C PHE A 222 -23.42 -4.25 -1.72
N GLY A 223 -23.53 -2.99 -2.14
CA GLY A 223 -23.00 -1.84 -1.41
C GLY A 223 -24.14 -0.89 -1.03
N LEU A 224 -24.04 -0.26 0.14
CA LEU A 224 -24.99 0.77 0.56
C LEU A 224 -24.33 1.75 1.52
N THR A 225 -24.35 3.04 1.17
CA THR A 225 -23.80 4.06 2.02
C THR A 225 -24.85 4.96 2.67
N VAL A 226 -24.54 5.31 3.94
CA VAL A 226 -25.37 6.20 4.74
C VAL A 226 -24.66 7.52 4.86
N PRO A 227 -25.44 8.59 4.92
CA PRO A 227 -24.93 9.93 4.91
C PRO A 227 -24.19 10.27 6.20
N LEU A 228 -23.32 11.26 6.11
CA LEU A 228 -22.49 11.62 7.26
C LEU A 228 -23.22 12.63 8.13
N ILE A 229 -22.85 12.66 9.41
CA ILE A 229 -23.10 13.80 10.29
C ILE A 229 -21.74 14.42 10.65
N THR A 230 -21.25 15.41 9.89
CA THR A 230 -19.80 15.79 9.96
C THR A 230 -19.35 16.35 11.32
N LYS A 231 -19.32 15.47 12.34
CA LYS A 231 -19.00 15.88 13.72
C LYS A 231 -17.82 15.08 14.30
N ALA A 232 -16.67 15.30 13.64
CA ALA A 232 -15.37 14.76 14.02
C ALA A 232 -14.29 15.86 14.13
N GLY A 243 -14.65 19.90 18.61
CA GLY A 243 -14.24 18.53 18.40
C GLY A 243 -15.37 17.57 18.07
N ALA A 244 -15.01 16.32 17.85
CA ALA A 244 -16.01 15.29 17.62
C ALA A 244 -16.92 15.18 18.84
N VAL A 245 -18.04 14.49 18.69
CA VAL A 245 -18.92 14.25 19.80
C VAL A 245 -18.70 12.78 20.11
N TRP A 246 -17.90 12.48 21.13
CA TRP A 246 -17.48 11.11 21.39
C TRP A 246 -18.59 10.33 22.08
N LEU A 247 -18.63 9.01 21.91
CA LEU A 247 -19.62 8.18 22.55
C LEU A 247 -19.19 7.89 23.96
N ASP A 248 -17.89 7.74 24.15
CA ASP A 248 -17.32 7.55 25.48
C ASP A 248 -17.69 8.69 26.45
N PRO A 249 -18.44 8.37 27.53
CA PRO A 249 -18.84 9.37 28.56
C PRO A 249 -17.66 10.12 29.16
N LYS A 250 -16.49 9.48 29.17
CA LYS A 250 -15.31 10.14 29.69
C LYS A 250 -14.63 11.11 28.69
N LYS A 251 -14.92 10.99 27.40
CA LYS A 251 -14.43 11.98 26.46
C LYS A 251 -15.49 13.07 26.30
N THR A 252 -16.73 12.67 26.09
CA THR A 252 -17.83 13.62 26.06
C THR A 252 -18.85 13.15 27.08
N SER A 253 -19.19 14.02 28.01
CA SER A 253 -20.14 13.68 29.09
C SER A 253 -21.55 13.58 28.54
N PRO A 254 -22.41 12.76 29.16
CA PRO A 254 -23.81 12.79 28.74
C PRO A 254 -24.44 14.21 28.74
N TYR A 255 -23.96 15.09 29.62
CA TYR A 255 -24.51 16.43 29.69
C TYR A 255 -24.17 17.09 28.37
N LYS A 256 -22.88 17.06 28.07
CA LYS A 256 -22.40 17.76 26.91
C LYS A 256 -23.02 17.14 25.68
N PHE A 257 -23.06 15.81 25.68
CA PHE A 257 -23.74 15.10 24.62
C PHE A 257 -25.20 15.57 24.44
N TYR A 258 -25.96 15.61 25.52
CA TYR A 258 -27.33 16.07 25.49
C TYR A 258 -27.37 17.47 24.97
N GLN A 259 -26.43 18.30 25.40
CA GLN A 259 -26.39 19.67 24.96
C GLN A 259 -26.14 19.81 23.47
N PHE A 260 -25.26 19.00 22.92
CA PHE A 260 -25.01 19.06 21.50
C PHE A 260 -26.29 18.78 20.74
N ALA A 261 -26.91 17.67 21.11
CA ALA A 261 -28.22 17.27 20.59
C ALA A 261 -29.29 18.34 20.69
N ILE A 262 -29.56 18.83 21.90
CA ILE A 262 -30.62 19.82 22.07
C ILE A 262 -30.36 21.14 21.33
N ASN A 263 -29.16 21.31 20.75
CA ASN A 263 -28.81 22.53 20.00
C ASN A 263 -28.59 22.35 18.52
N ALA A 264 -29.05 21.21 18.02
CA ALA A 264 -29.06 20.96 16.59
C ALA A 264 -29.91 22.03 15.93
N ALA A 265 -29.36 22.67 14.89
CA ALA A 265 -30.10 23.64 14.06
C ALA A 265 -31.38 23.06 13.53
N ASP A 266 -32.31 23.91 13.13
CA ASP A 266 -33.59 23.42 12.61
C ASP A 266 -33.43 22.63 11.30
N ALA A 267 -32.52 23.07 10.46
CA ALA A 267 -32.25 22.43 9.21
C ALA A 267 -31.88 20.97 9.41
N ASP A 268 -31.14 20.68 10.48
CA ASP A 268 -30.54 19.36 10.68
C ASP A 268 -31.38 18.41 11.52
N VAL A 269 -32.21 18.98 12.38
CA VAL A 269 -32.80 18.21 13.46
C VAL A 269 -33.65 17.08 12.96
N TYR A 270 -34.32 17.31 11.85
CA TYR A 270 -35.24 16.31 11.36
C TYR A 270 -34.46 15.19 10.71
N ARG A 271 -33.40 15.49 9.98
CA ARG A 271 -32.61 14.39 9.47
C ARG A 271 -31.89 13.66 10.58
N TRP A 272 -31.52 14.37 11.63
CA TRP A 272 -30.81 13.72 12.70
C TRP A 272 -31.80 12.87 13.46
N LEU A 273 -33.04 13.33 13.60
CA LEU A 273 -34.04 12.46 14.15
C LEU A 273 -34.07 11.16 13.34
N LYS A 274 -34.10 11.31 12.03
CA LYS A 274 -34.19 10.14 11.18
C LYS A 274 -32.97 9.25 11.30
N PHE A 275 -31.78 9.81 11.20
CA PHE A 275 -30.60 9.01 11.17
C PHE A 275 -30.28 8.49 12.56
N GLY A 276 -30.53 9.28 13.57
CA GLY A 276 -30.00 8.97 14.88
C GLY A 276 -30.91 8.25 15.85
N THR A 277 -32.17 8.01 15.50
CA THR A 277 -33.12 7.49 16.45
C THR A 277 -33.98 6.48 15.79
N PHE A 278 -34.61 5.63 16.59
CA PHE A 278 -35.59 4.69 16.09
C PHE A 278 -36.98 5.26 16.11
N MET A 279 -37.07 6.58 16.22
CA MET A 279 -38.37 7.24 16.16
C MET A 279 -39.04 6.92 14.81
N SER A 280 -40.34 6.69 14.86
CA SER A 280 -41.11 6.40 13.66
C SER A 280 -41.02 7.51 12.62
N ILE A 281 -40.86 7.10 11.37
CA ILE A 281 -40.97 8.03 10.25
C ILE A 281 -42.28 8.82 10.34
N GLU A 282 -43.38 8.17 10.68
CA GLU A 282 -44.66 8.88 10.88
C GLU A 282 -44.51 10.03 11.87
N GLU A 283 -43.94 9.70 13.04
CA GLU A 283 -43.87 10.63 14.13
C GLU A 283 -42.94 11.77 13.81
N ILE A 284 -41.88 11.47 13.07
CA ILE A 284 -40.89 12.50 12.75
C ILE A 284 -41.52 13.56 11.84
N ASN A 285 -42.35 13.12 10.90
CA ASN A 285 -43.04 14.05 10.00
C ASN A 285 -44.01 14.92 10.77
N ALA A 286 -44.86 14.27 11.57
CA ALA A 286 -45.83 14.94 12.42
C ALA A 286 -45.18 16.02 13.27
N LEU A 287 -44.03 15.70 13.84
CA LEU A 287 -43.26 16.69 14.57
C LEU A 287 -42.96 17.89 13.70
N GLU A 288 -42.41 17.65 12.52
CA GLU A 288 -42.01 18.75 11.63
C GLU A 288 -43.22 19.59 11.29
N GLU A 289 -44.30 18.97 10.84
CA GLU A 289 -45.47 19.73 10.41
C GLU A 289 -46.04 20.52 11.58
N GLU A 290 -46.05 19.91 12.76
CA GLU A 290 -46.43 20.65 13.95
C GLU A 290 -45.54 21.89 14.15
N ASP A 291 -44.22 21.69 14.34
CA ASP A 291 -43.28 22.79 14.64
C ASP A 291 -43.49 24.02 13.76
N LYS A 292 -43.62 23.78 12.45
CA LYS A 292 -43.80 24.85 11.45
C LYS A 292 -45.05 25.66 11.74
N ASN A 293 -46.13 24.97 12.08
CA ASN A 293 -47.39 25.61 12.47
C ASN A 293 -47.34 26.22 13.87
N SER A 294 -46.94 25.40 14.84
CA SER A 294 -47.12 25.68 16.27
C SER A 294 -46.50 26.99 16.78
N GLY A 295 -46.99 28.13 16.31
CA GLY A 295 -46.50 29.45 16.75
C GLY A 295 -44.99 29.61 16.85
N LYS A 296 -44.25 28.90 16.00
CA LYS A 296 -42.79 28.70 16.14
C LYS A 296 -42.46 28.09 17.52
N ALA A 297 -43.07 26.93 17.80
CA ALA A 297 -42.79 26.16 19.02
C ALA A 297 -42.04 24.86 18.72
N PRO A 298 -40.69 24.95 18.54
CA PRO A 298 -39.98 23.77 18.08
C PRO A 298 -39.40 22.97 19.24
N ARG A 299 -39.98 21.79 19.47
CA ARG A 299 -39.51 20.87 20.49
C ARG A 299 -38.82 19.63 19.89
N ALA A 300 -38.48 19.65 18.60
CA ALA A 300 -37.82 18.51 17.97
C ALA A 300 -36.43 18.25 18.52
N GLN A 301 -35.67 19.32 18.70
CA GLN A 301 -34.38 19.24 19.36
C GLN A 301 -34.49 18.50 20.66
N TYR A 302 -35.52 18.85 21.43
CA TYR A 302 -35.75 18.30 22.74
C TYR A 302 -36.06 16.80 22.69
N VAL A 303 -36.88 16.42 21.71
CA VAL A 303 -37.16 15.01 21.43
C VAL A 303 -35.89 14.35 20.93
N BIF A 304 -35.22 15.04 20.02
CA BIF A 304 -34.02 14.48 19.44
C BIF A 304 -33.11 14.13 20.58
CB BIF A 304 -33.37 15.45 18.44
CG BIF A 304 -32.06 14.85 18.00
CD2 BIF A 304 -30.91 15.62 18.03
CE2 BIF A 304 -29.69 15.05 17.65
CZ BIF A 304 -29.64 13.72 17.24
CE1 BIF A 304 -30.79 12.97 17.22
CD1 BIF A 304 -32.00 13.53 17.60
C8 BIF A 304 -25.96 12.95 16.94
C9 BIF A 304 -25.96 11.88 16.06
C10 BIF A 304 -27.15 11.40 15.59
C11 BIF A 304 -28.34 12.01 15.96
C12 BIF A 304 -28.36 13.09 16.84
C13 BIF A 304 -27.15 13.57 17.34
O BIF A 304 -32.78 12.96 20.81
N ALA A 305 -32.73 15.17 21.31
CA ALA A 305 -31.84 15.06 22.45
C ALA A 305 -32.16 13.89 23.36
N GLU A 306 -33.43 13.78 23.78
CA GLU A 306 -33.76 12.75 24.75
C GLU A 306 -33.57 11.37 24.17
N GLN A 307 -33.98 11.19 22.91
CA GLN A 307 -33.91 9.87 22.29
C GLN A 307 -32.47 9.44 22.22
N VAL A 308 -31.64 10.26 21.62
CA VAL A 308 -30.28 9.80 21.34
C VAL A 308 -29.42 9.69 22.61
N THR A 309 -29.69 10.56 23.57
CA THR A 309 -28.92 10.52 24.79
C THR A 309 -29.26 9.21 25.45
N ARG A 310 -30.53 8.83 25.40
CA ARG A 310 -30.96 7.64 26.07
C ARG A 310 -30.35 6.42 25.39
N LEU A 311 -30.30 6.46 24.08
CA LEU A 311 -29.68 5.41 23.31
C LEU A 311 -28.23 5.20 23.70
N VAL A 312 -27.49 6.28 23.61
CA VAL A 312 -26.06 6.25 23.83
C VAL A 312 -25.69 6.09 25.32
N HIS A 313 -26.38 6.77 26.22
CA HIS A 313 -25.99 6.75 27.62
C HIS A 313 -26.97 6.09 28.56
N GLY A 314 -28.07 5.56 28.03
CA GLY A 314 -29.08 4.91 28.87
C GLY A 314 -29.97 5.90 29.59
N GLU A 315 -30.95 5.40 30.31
CA GLU A 315 -31.81 6.25 31.13
C GLU A 315 -30.98 7.03 32.13
N GLU A 316 -30.15 6.35 32.89
CA GLU A 316 -29.40 7.06 33.91
C GLU A 316 -28.61 8.22 33.32
N GLY A 317 -27.99 8.03 32.14
CA GLY A 317 -27.30 9.14 31.43
C GLY A 317 -28.21 10.29 31.00
N LEU A 318 -29.38 9.93 30.48
CA LEU A 318 -30.40 10.89 30.12
C LEU A 318 -30.79 11.75 31.33
N GLN A 319 -31.06 11.09 32.45
CA GLN A 319 -31.61 11.78 33.60
C GLN A 319 -30.57 12.69 34.20
N ALA A 320 -29.33 12.21 34.26
CA ALA A 320 -28.21 13.06 34.66
C ALA A 320 -28.09 14.32 33.84
N ALA A 321 -28.13 14.15 32.53
CA ALA A 321 -27.92 15.27 31.62
C ALA A 321 -29.06 16.26 31.78
N LYS A 322 -30.26 15.74 31.91
CA LYS A 322 -31.41 16.60 32.20
C LYS A 322 -31.33 17.25 33.56
N ARG A 323 -30.89 16.50 34.54
CA ARG A 323 -30.75 17.06 35.87
C ARG A 323 -29.67 18.18 35.90
N ILE A 324 -28.54 17.96 35.20
CA ILE A 324 -27.50 18.95 35.10
C ILE A 324 -27.96 20.14 34.28
N THR A 325 -28.68 19.89 33.20
CA THR A 325 -29.25 20.98 32.43
C THR A 325 -30.16 21.84 33.29
N GLU A 326 -30.99 21.18 34.08
CA GLU A 326 -31.97 21.88 34.89
C GLU A 326 -31.32 22.68 36.02
N CYS A 327 -30.13 22.30 36.48
CA CYS A 327 -29.52 23.03 37.60
C CYS A 327 -28.80 24.29 37.16
N LEU A 328 -28.11 24.19 36.05
CA LEU A 328 -27.51 25.34 35.44
C LEU A 328 -28.55 26.34 34.92
N PHE A 329 -29.75 25.88 34.64
CA PHE A 329 -30.76 26.81 34.21
C PHE A 329 -31.37 27.43 35.43
N SER A 330 -31.60 26.64 36.46
CA SER A 330 -32.38 27.11 37.59
C SER A 330 -31.52 27.89 38.54
N GLY A 331 -30.28 27.47 38.70
CA GLY A 331 -29.43 28.03 39.74
C GLY A 331 -29.44 27.14 40.98
N SER A 332 -30.44 26.28 41.13
CA SER A 332 -30.49 25.42 42.30
C SER A 332 -29.69 24.12 42.10
N LEU A 333 -28.70 23.88 42.94
CA LEU A 333 -27.85 22.70 42.82
C LEU A 333 -28.26 21.57 43.72
N SER A 334 -29.43 21.68 44.30
CA SER A 334 -29.83 20.73 45.31
C SER A 334 -29.84 19.31 44.78
N ALA A 335 -30.22 19.15 43.51
CA ALA A 335 -30.39 17.82 42.90
C ALA A 335 -29.07 17.17 42.44
N LEU A 336 -28.01 17.96 42.28
CA LEU A 336 -26.77 17.39 41.73
C LEU A 336 -26.21 16.33 42.63
N SER A 337 -25.77 15.25 42.01
CA SER A 337 -24.95 14.28 42.68
C SER A 337 -23.48 14.64 42.46
N GLU A 338 -22.63 13.92 43.14
CA GLU A 338 -21.22 14.00 42.92
C GLU A 338 -20.88 13.64 41.47
N ALA A 339 -21.43 12.53 40.98
CA ALA A 339 -21.14 12.11 39.61
C ALA A 339 -21.53 13.25 38.67
N ASP A 340 -22.60 13.98 39.03
CA ASP A 340 -23.00 15.15 38.26
C ASP A 340 -21.96 16.29 38.28
N PHE A 341 -21.23 16.45 39.37
CA PHE A 341 -20.21 17.50 39.39
C PHE A 341 -19.04 17.11 38.56
N GLU A 342 -18.68 15.83 38.61
CA GLU A 342 -17.63 15.27 37.74
C GLU A 342 -17.87 15.57 36.25
N GLN A 343 -19.12 15.48 35.75
CA GLN A 343 -19.47 15.84 34.35
C GLN A 343 -19.28 17.34 34.15
N LEU A 344 -19.73 18.13 35.12
CA LEU A 344 -19.50 19.58 35.06
C LEU A 344 -18.01 19.84 35.00
N ALA A 345 -17.26 19.08 35.78
CA ALA A 345 -15.84 19.30 35.86
C ALA A 345 -15.15 18.93 34.56
N GLN A 346 -15.56 17.79 34.03
CA GLN A 346 -14.97 17.26 32.83
C GLN A 346 -15.21 18.17 31.64
N ASP A 347 -16.45 18.59 31.42
CA ASP A 347 -16.70 19.45 30.25
C ASP A 347 -17.88 20.40 30.33
N GLY A 348 -18.67 20.35 31.41
CA GLY A 348 -19.99 21.01 31.38
C GLY A 348 -19.93 22.51 31.56
N VAL A 349 -19.00 22.94 32.41
CA VAL A 349 -18.73 24.35 32.60
C VAL A 349 -17.25 24.60 32.77
N PRO A 350 -16.83 25.86 32.60
CA PRO A 350 -15.44 26.17 32.88
C PRO A 350 -15.08 25.76 34.33
N MET A 351 -13.82 25.46 34.56
CA MET A 351 -13.48 24.93 35.83
C MET A 351 -12.08 25.38 36.22
N VAL A 352 -11.91 25.59 37.52
CA VAL A 352 -10.66 25.98 38.13
C VAL A 352 -10.38 25.12 39.36
N GLU A 353 -9.14 24.68 39.52
CA GLU A 353 -8.71 24.01 40.75
C GLU A 353 -8.19 25.04 41.76
N MET A 354 -8.61 24.94 43.04
CA MET A 354 -8.14 25.87 44.09
C MET A 354 -7.85 25.24 45.44
N GLU A 355 -6.81 25.74 46.09
CA GLU A 355 -6.47 25.35 47.43
C GLU A 355 -7.52 25.90 48.37
N LYS A 356 -7.92 25.06 49.30
CA LYS A 356 -8.83 25.49 50.36
C LYS A 356 -8.20 26.64 51.17
N GLY A 357 -9.03 27.59 51.57
CA GLY A 357 -8.56 28.74 52.32
C GLY A 357 -8.61 30.03 51.54
N ALA A 358 -8.84 29.94 50.24
CA ALA A 358 -8.95 31.14 49.43
C ALA A 358 -10.29 31.83 49.69
N ASP A 359 -10.25 33.15 49.68
CA ASP A 359 -11.49 33.94 49.80
C ASP A 359 -12.18 34.08 48.43
N LEU A 360 -13.46 34.45 48.49
CA LEU A 360 -14.29 34.66 47.32
C LEU A 360 -13.58 35.55 46.31
N MET A 361 -13.15 36.72 46.76
CA MET A 361 -12.45 37.64 45.88
C MET A 361 -11.45 36.90 44.98
N GLN A 362 -10.68 36.00 45.58
CA GLN A 362 -9.59 35.32 44.91
C GLN A 362 -10.11 34.26 43.98
N ALA A 363 -11.17 33.59 44.41
CA ALA A 363 -11.79 32.59 43.57
C ALA A 363 -12.31 33.23 42.27
N LEU A 364 -12.87 34.41 42.37
CA LEU A 364 -13.32 35.16 41.22
C LEU A 364 -12.24 35.62 40.25
N VAL A 365 -11.06 35.93 40.77
CA VAL A 365 -9.90 36.28 39.94
C VAL A 365 -9.33 35.06 39.23
N ASP A 366 -9.10 33.98 40.00
CA ASP A 366 -8.43 32.77 39.50
C ASP A 366 -9.26 31.99 38.48
N SER A 367 -10.57 32.17 38.53
CA SER A 367 -11.49 31.61 37.55
C SER A 367 -11.73 32.54 36.36
N GLU A 368 -11.19 33.76 36.41
CA GLU A 368 -11.35 34.70 35.30
C GLU A 368 -12.70 35.45 35.29
N LEU A 369 -13.60 35.12 36.22
CA LEU A 369 -14.87 35.88 36.33
C LEU A 369 -14.65 37.39 36.62
N GLN A 370 -13.64 37.74 37.41
CA GLN A 370 -13.25 39.14 37.58
C GLN A 370 -11.76 39.29 37.28
N PRO A 371 -11.34 40.51 36.95
CA PRO A 371 -9.95 40.69 36.54
C PRO A 371 -8.94 41.02 37.66
N SER A 372 -9.41 41.73 38.69
CA SER A 372 -8.61 42.11 39.86
C SER A 372 -9.40 41.87 41.15
N ARG A 373 -8.68 41.78 42.25
CA ARG A 373 -9.31 41.67 43.57
C ARG A 373 -10.22 42.87 43.81
N GLY A 374 -9.70 44.08 43.58
CA GLY A 374 -10.47 45.31 43.76
C GLY A 374 -11.75 45.35 42.92
N GLN A 375 -11.67 44.77 41.73
CA GLN A 375 -12.85 44.70 40.90
C GLN A 375 -13.80 43.63 41.43
N ALA A 376 -13.26 42.49 41.86
CA ALA A 376 -14.11 41.43 42.40
C ALA A 376 -14.96 41.95 43.55
N ARG A 377 -14.32 42.72 44.44
CA ARG A 377 -14.95 43.29 45.62
C ARG A 377 -16.19 44.07 45.27
N LYS A 378 -16.11 44.89 44.23
CA LYS A 378 -17.25 45.77 43.85
C LYS A 378 -18.35 44.94 43.22
N THR A 379 -17.96 43.93 42.48
CA THR A 379 -18.94 43.08 41.86
C THR A 379 -19.63 42.17 42.85
N ILE A 380 -18.90 41.64 43.81
CA ILE A 380 -19.54 40.90 44.89
C ILE A 380 -20.56 41.82 45.62
N ALA A 381 -20.16 43.05 45.91
CA ALA A 381 -21.01 44.00 46.66
C ALA A 381 -22.25 44.46 45.90
N SER A 382 -22.19 44.48 44.58
CA SER A 382 -23.39 44.76 43.75
C SER A 382 -24.34 43.56 43.64
N ASN A 383 -24.17 42.58 44.54
CA ASN A 383 -24.97 41.33 44.59
C ASN A 383 -25.01 40.51 43.30
N ALA A 384 -23.89 40.44 42.61
CA ALA A 384 -23.81 39.79 41.32
C ALA A 384 -23.38 38.32 41.38
N ILE A 385 -22.95 37.87 42.55
CA ILE A 385 -22.30 36.58 42.66
C ILE A 385 -23.16 35.64 43.48
N THR A 386 -23.32 34.43 42.96
CA THR A 386 -23.95 33.37 43.71
C THR A 386 -22.94 32.28 43.89
N ILE A 387 -23.07 31.62 45.03
CA ILE A 387 -22.26 30.50 45.43
C ILE A 387 -23.26 29.38 45.59
N ASN A 388 -23.17 28.37 44.72
CA ASN A 388 -24.10 27.25 44.79
C ASN A 388 -25.58 27.66 44.72
N GLY A 389 -25.89 28.70 43.97
CA GLY A 389 -27.25 29.22 43.89
C GLY A 389 -27.60 30.35 44.83
N GLU A 390 -26.95 30.43 45.98
CA GLU A 390 -27.35 31.40 47.00
C GLU A 390 -26.49 32.63 46.80
N LYS A 391 -27.11 33.79 46.59
CA LYS A 391 -26.36 35.03 46.42
C LYS A 391 -25.46 35.37 47.63
N GLN A 392 -24.24 35.83 47.37
CA GLN A 392 -23.33 36.28 48.42
C GLN A 392 -22.78 37.65 48.04
N SER A 393 -22.92 38.61 48.94
CA SER A 393 -22.56 40.02 48.69
C SER A 393 -21.54 40.63 49.67
N ASP A 394 -21.08 39.84 50.64
CA ASP A 394 -20.00 40.25 51.55
C ASP A 394 -18.65 40.09 50.83
N PRO A 395 -18.09 41.20 50.34
CA PRO A 395 -16.83 41.08 49.55
C PRO A 395 -15.67 40.35 50.24
N GLU A 396 -15.71 40.28 51.57
CA GLU A 396 -14.65 39.69 52.38
C GLU A 396 -14.95 38.26 52.70
N TYR A 397 -15.89 37.66 51.99
CA TYR A 397 -16.32 36.31 52.30
C TYR A 397 -15.21 35.26 52.11
N PHE A 398 -15.08 34.39 53.11
CA PHE A 398 -14.34 33.13 53.01
C PHE A 398 -15.32 31.98 52.85
N PHE A 399 -15.00 31.11 51.91
CA PHE A 399 -15.70 29.84 51.79
C PHE A 399 -15.59 29.04 53.10
N LYS A 400 -16.72 28.44 53.44
CA LYS A 400 -16.87 27.57 54.62
C LYS A 400 -17.13 26.14 54.13
N GLU A 401 -16.88 25.13 54.96
CA GLU A 401 -16.96 23.74 54.48
C GLU A 401 -18.28 23.43 53.78
N GLU A 402 -19.38 23.97 54.31
CA GLU A 402 -20.69 23.82 53.69
C GLU A 402 -20.69 24.17 52.18
N ASP A 403 -19.92 25.18 51.81
CA ASP A 403 -19.81 25.59 50.42
C ASP A 403 -18.97 24.62 49.61
N ARG A 404 -18.15 23.82 50.26
CA ARG A 404 -17.40 22.80 49.53
C ARG A 404 -18.30 21.58 49.40
N LEU A 405 -19.11 21.53 48.34
CA LEU A 405 -20.09 20.46 48.19
C LEU A 405 -19.39 19.15 47.88
N PHE A 406 -19.87 18.09 48.54
CA PHE A 406 -19.19 16.78 48.54
C PHE A 406 -17.70 16.99 48.85
N GLY A 407 -17.44 17.96 49.73
CA GLY A 407 -16.08 18.43 50.04
C GLY A 407 -15.20 18.93 48.91
N ARG A 408 -15.71 19.01 47.68
CA ARG A 408 -14.83 19.20 46.54
C ARG A 408 -15.26 20.26 45.56
N PHE A 409 -16.54 20.64 45.62
CA PHE A 409 -17.12 21.38 44.53
C PHE A 409 -17.88 22.57 44.98
N THR A 410 -17.61 23.70 44.30
CA THR A 410 -18.32 24.96 44.52
C THR A 410 -18.57 25.65 43.18
N LEU A 411 -19.78 26.08 42.93
CA LEU A 411 -20.12 26.68 41.66
C LEU A 411 -20.45 28.14 41.81
N LEU A 412 -19.65 28.95 41.18
CA LEU A 412 -19.87 30.36 41.11
C LEU A 412 -20.71 30.73 39.92
N ARG A 413 -21.52 31.76 40.09
CA ARG A 413 -22.13 32.38 38.96
C ARG A 413 -21.91 33.89 39.05
N ARG A 414 -21.66 34.51 37.91
CA ARG A 414 -21.61 35.95 37.82
C ARG A 414 -22.80 36.29 36.95
N GLY A 415 -23.56 37.29 37.37
CA GLY A 415 -24.75 37.74 36.63
C GLY A 415 -25.70 36.56 36.51
N LYS A 416 -26.36 36.44 35.37
CA LYS A 416 -27.38 35.41 35.22
C LYS A 416 -26.91 34.10 34.62
N LYS A 417 -25.79 34.10 33.91
CA LYS A 417 -25.39 32.91 33.16
C LYS A 417 -23.89 32.60 33.11
N ASN A 418 -23.00 33.40 33.67
CA ASN A 418 -21.55 33.05 33.67
C ASN A 418 -21.11 32.17 34.83
N TYR A 419 -20.90 30.89 34.52
CA TYR A 419 -20.49 29.91 35.52
C TYR A 419 -19.01 29.64 35.56
N CYS A 420 -18.56 29.33 36.76
CA CYS A 420 -17.31 28.66 36.88
C CYS A 420 -17.36 27.70 38.06
N LEU A 421 -16.85 26.49 37.85
CA LEU A 421 -16.87 25.46 38.87
C LEU A 421 -15.54 25.43 39.56
N ILE A 422 -15.57 25.51 40.89
CA ILE A 422 -14.39 25.43 41.67
C ILE A 422 -14.21 24.02 42.15
N CYS A 423 -13.07 23.47 41.77
CA CYS A 423 -12.66 22.14 42.18
C CYS A 423 -11.60 22.25 43.25
N TRP A 424 -12.02 22.02 44.49
CA TRP A 424 -11.16 22.21 45.63
C TRP A 424 -10.21 21.06 45.82
N LYS A 425 -8.94 21.37 46.10
CA LYS A 425 -7.94 20.37 46.45
C LYS A 425 -7.71 20.38 47.95
N ASN B 6 40.13 6.37 -9.60
CA ASN B 6 40.56 5.08 -10.17
C ASN B 6 39.32 4.33 -10.70
N LEU B 7 38.74 3.39 -9.95
CA LEU B 7 37.88 2.39 -10.60
C LEU B 7 36.70 3.00 -11.35
N ILE B 8 36.02 3.96 -10.75
CA ILE B 8 34.92 4.63 -11.39
C ILE B 8 35.39 5.36 -12.65
N LYS B 9 36.66 5.75 -12.69
CA LYS B 9 37.15 6.39 -13.88
C LYS B 9 37.34 5.37 -14.97
N GLN B 10 37.97 4.23 -14.66
CA GLN B 10 38.12 3.19 -15.67
C GLN B 10 36.77 2.87 -16.31
N LEU B 11 35.77 2.64 -15.47
CA LEU B 11 34.42 2.36 -15.95
C LEU B 11 33.83 3.46 -16.82
N GLN B 12 34.12 4.72 -16.47
CA GLN B 12 33.73 5.87 -17.27
C GLN B 12 34.47 5.94 -18.62
N GLU B 13 35.78 5.71 -18.61
CA GLU B 13 36.54 5.67 -19.86
C GLU B 13 36.00 4.62 -20.80
N ARG B 14 35.31 3.65 -20.18
CA ARG B 14 34.85 2.48 -20.82
C ARG B 14 33.36 2.61 -21.21
N GLY B 15 32.75 3.78 -20.92
CA GLY B 15 31.33 4.04 -21.23
C GLY B 15 30.26 3.23 -20.49
N LEU B 16 30.63 2.62 -19.37
CA LEU B 16 29.78 1.72 -18.60
C LEU B 16 28.99 2.38 -17.46
N VAL B 17 29.32 3.63 -17.14
CA VAL B 17 28.60 4.37 -16.11
C VAL B 17 27.50 5.21 -16.74
N ALA B 18 26.27 4.78 -16.55
CA ALA B 18 25.17 5.47 -17.15
C ALA B 18 24.72 6.55 -16.18
N GLN B 19 24.51 6.20 -14.92
CA GLN B 19 24.39 7.22 -13.84
C GLN B 19 25.08 6.70 -12.59
N VAL B 20 25.44 7.59 -11.69
CA VAL B 20 26.03 7.19 -10.42
C VAL B 20 25.67 8.20 -9.30
N THR B 21 25.30 7.70 -8.13
CA THR B 21 24.98 8.60 -7.02
C THR B 21 26.25 9.00 -6.32
N ASP B 22 26.44 10.31 -6.14
CA ASP B 22 27.48 10.84 -5.25
C ASP B 22 28.83 10.27 -5.67
N GLU B 23 29.16 10.52 -6.93
CA GLU B 23 30.36 10.00 -7.56
C GLU B 23 31.62 10.19 -6.72
N GLU B 24 31.73 11.34 -6.05
CA GLU B 24 32.96 11.74 -5.37
C GLU B 24 33.07 10.97 -4.06
N ALA B 25 31.98 10.93 -3.30
CA ALA B 25 31.96 10.11 -2.11
C ALA B 25 32.07 8.61 -2.44
N LEU B 26 31.54 8.18 -3.59
CA LEU B 26 31.68 6.76 -3.94
C LEU B 26 33.14 6.43 -4.26
N ALA B 27 33.83 7.36 -4.90
CA ALA B 27 35.27 7.25 -5.17
C ALA B 27 36.09 7.19 -3.87
N GLU B 28 35.77 8.05 -2.89
CA GLU B 28 36.53 8.05 -1.62
C GLU B 28 36.45 6.70 -0.90
N ARG B 29 35.30 6.05 -1.03
CA ARG B 29 35.00 4.86 -0.26
C ARG B 29 35.64 3.67 -0.96
N LEU B 30 35.46 3.57 -2.26
CA LEU B 30 36.14 2.52 -3.02
C LEU B 30 37.66 2.54 -2.79
N ALA B 31 38.23 3.74 -2.72
CA ALA B 31 39.68 3.92 -2.57
C ALA B 31 40.17 3.39 -1.20
N GLN B 32 39.45 3.80 -0.14
CA GLN B 32 39.70 3.39 1.26
C GLN B 32 39.92 1.90 1.49
N GLY B 33 39.27 1.07 0.70
CA GLY B 33 39.36 -0.37 0.89
C GLY B 33 38.29 -1.07 0.09
N PRO B 34 38.26 -2.41 0.15
CA PRO B 34 37.19 -3.17 -0.49
C PRO B 34 35.81 -2.85 0.07
N ILE B 35 34.80 -3.16 -0.75
CA ILE B 35 33.39 -3.00 -0.42
C ILE B 35 32.69 -4.24 -0.92
N ALA B 36 31.44 -4.38 -0.51
CA ALA B 36 30.55 -5.36 -1.08
C ALA B 36 29.51 -4.65 -1.96
N LEU B 37 29.11 -5.29 -3.06
CA LEU B 37 28.16 -4.69 -3.99
C LEU B 37 27.23 -5.76 -4.48
N TYR B 38 26.07 -5.38 -4.99
CA TYR B 38 25.19 -6.37 -5.55
C TYR B 38 24.51 -5.95 -6.83
N CYS B 39 23.97 -6.98 -7.45
CA CYS B 39 23.09 -6.80 -8.56
C CYS B 39 22.10 -7.94 -8.48
N GLY B 40 20.85 -7.60 -8.72
CA GLY B 40 19.77 -8.56 -8.64
C GLY B 40 19.37 -8.97 -10.04
N PHE B 41 18.83 -10.17 -10.14
CA PHE B 41 18.44 -10.83 -11.37
C PHE B 41 17.13 -11.51 -11.14
N ASP B 42 16.06 -11.02 -11.76
CA ASP B 42 14.74 -11.58 -11.51
C ASP B 42 14.56 -12.82 -12.38
N PRO B 43 14.30 -14.00 -11.76
CA PRO B 43 14.32 -15.29 -12.43
C PRO B 43 12.98 -15.78 -12.94
N THR B 44 12.13 -14.89 -13.45
CA THR B 44 10.91 -15.35 -14.14
C THR B 44 11.31 -16.15 -15.40
N ALA B 45 11.97 -15.48 -16.35
CA ALA B 45 12.45 -16.16 -17.54
C ALA B 45 13.41 -17.29 -17.14
N ASP B 46 13.48 -18.32 -17.99
CA ASP B 46 14.30 -19.50 -17.71
C ASP B 46 15.77 -19.23 -18.01
N SER B 47 16.06 -18.16 -18.75
CA SER B 47 17.45 -17.71 -19.00
C SER B 47 17.64 -16.21 -18.88
N LEU B 48 18.82 -15.80 -18.41
CA LEU B 48 19.34 -14.46 -18.70
C LEU B 48 19.63 -14.34 -20.21
N HIS B 49 19.73 -13.11 -20.68
CA HIS B 49 19.99 -12.81 -22.06
C HIS B 49 21.24 -11.95 -22.12
N ALA B 50 21.66 -11.69 -23.36
CA ALA B 50 22.88 -10.96 -23.65
C ALA B 50 23.03 -9.63 -22.91
N GLY B 51 21.96 -8.85 -22.89
CA GLY B 51 21.88 -7.61 -22.11
C GLY B 51 22.41 -7.68 -20.71
N HIS B 52 22.14 -8.78 -20.03
CA HIS B 52 22.62 -8.93 -18.66
C HIS B 52 24.12 -9.04 -18.51
N LEU B 53 24.79 -9.40 -19.60
CA LEU B 53 26.23 -9.49 -19.53
C LEU B 53 26.85 -8.22 -19.07
N VAL B 54 26.27 -7.08 -19.43
CA VAL B 54 26.86 -5.80 -19.07
C VAL B 54 27.06 -5.65 -17.56
N PRO B 55 25.98 -5.83 -16.77
CA PRO B 55 26.11 -5.76 -15.31
C PRO B 55 26.88 -6.92 -14.70
N LEU B 56 26.71 -8.10 -15.26
CA LEU B 56 27.43 -9.28 -14.79
C LEU B 56 28.93 -9.09 -14.85
N LEU B 57 29.41 -8.71 -16.01
CA LEU B 57 30.83 -8.46 -16.19
C LEU B 57 31.28 -7.23 -15.40
N CYS B 58 30.33 -6.39 -15.06
CA CYS B 58 30.64 -5.29 -14.20
C CYS B 58 30.94 -5.77 -12.80
N LEU B 59 30.22 -6.77 -12.30
CA LEU B 59 30.56 -7.34 -10.98
C LEU B 59 31.96 -7.91 -10.98
N LYS B 60 32.27 -8.58 -12.07
CA LYS B 60 33.57 -9.18 -12.25
C LYS B 60 34.61 -8.09 -12.15
N ARG B 61 34.38 -6.99 -12.86
CA ARG B 61 35.34 -5.87 -12.86
C ARG B 61 35.54 -5.26 -11.48
N PHE B 62 34.48 -5.15 -10.70
CA PHE B 62 34.61 -4.78 -9.28
C PHE B 62 35.35 -5.84 -8.50
N GLN B 63 35.05 -7.13 -8.72
CA GLN B 63 35.77 -8.19 -7.99
C GLN B 63 37.30 -8.18 -8.28
N GLN B 64 37.65 -8.16 -9.57
CA GLN B 64 39.05 -8.01 -10.04
C GLN B 64 39.81 -6.90 -9.35
N ALA B 65 39.11 -5.85 -8.94
CA ALA B 65 39.70 -4.74 -8.17
C ALA B 65 39.62 -4.93 -6.65
N GLY B 66 39.40 -6.17 -6.21
CA GLY B 66 39.34 -6.49 -4.78
C GLY B 66 38.06 -6.20 -3.99
N HIS B 67 36.92 -6.04 -4.66
CA HIS B 67 35.61 -5.88 -4.01
C HIS B 67 34.77 -7.12 -4.06
N LYS B 68 33.70 -7.16 -3.28
CA LYS B 68 32.97 -8.38 -3.02
C LYS B 68 31.63 -8.33 -3.70
N PRO B 69 31.38 -9.24 -4.64
CA PRO B 69 30.16 -9.20 -5.40
C PRO B 69 29.16 -10.24 -4.99
N VAL B 70 27.94 -9.76 -4.73
CA VAL B 70 26.81 -10.56 -4.36
C VAL B 70 25.84 -10.49 -5.48
N ALA B 71 25.47 -11.64 -6.02
CA ALA B 71 24.43 -11.68 -6.99
C ALA B 71 23.17 -12.18 -6.29
N LEU B 72 22.10 -11.40 -6.39
CA LEU B 72 20.83 -11.70 -5.74
C LEU B 72 19.81 -12.22 -6.73
N VAL B 73 19.20 -13.32 -6.41
CA VAL B 73 18.14 -13.82 -7.24
C VAL B 73 16.77 -13.59 -6.59
N GLY B 74 15.82 -13.15 -7.39
CA GLY B 74 14.50 -12.78 -6.92
C GLY B 74 13.61 -13.97 -6.84
N GLY B 75 13.94 -14.87 -5.93
CA GLY B 75 12.97 -15.89 -5.54
C GLY B 75 11.61 -15.29 -5.21
N ALA B 76 11.60 -14.11 -4.59
CA ALA B 76 10.37 -13.47 -4.10
C ALA B 76 9.48 -13.00 -5.23
N THR B 77 10.08 -12.32 -6.19
CA THR B 77 9.38 -11.90 -7.38
C THR B 77 8.80 -13.11 -8.15
N GLY B 78 9.57 -14.20 -8.14
CA GLY B 78 9.12 -15.44 -8.73
C GLY B 78 7.87 -15.98 -8.09
N LEU B 79 7.84 -16.02 -6.76
CA LEU B 79 6.70 -16.61 -6.09
C LEU B 79 5.44 -15.83 -6.41
N ILE B 80 5.57 -14.53 -6.68
CA ILE B 80 4.42 -13.75 -7.13
C ILE B 80 4.16 -14.07 -8.60
N GLY B 81 5.15 -13.80 -9.43
CA GLY B 81 5.16 -14.18 -10.83
C GLY B 81 4.05 -13.67 -11.74
N ASP B 82 3.40 -14.64 -12.42
CA ASP B 82 2.63 -14.37 -13.63
C ASP B 82 2.84 -15.62 -14.43
N THR B 94 4.21 -19.57 -12.22
CA THR B 94 4.08 -20.74 -11.37
C THR B 94 4.86 -20.53 -10.05
N GLU B 95 4.45 -21.25 -9.00
CA GLU B 95 4.88 -21.01 -7.61
C GLU B 95 5.44 -22.26 -6.90
N GLU B 96 6.58 -22.76 -7.36
CA GLU B 96 7.12 -24.05 -6.86
C GLU B 96 8.32 -23.87 -5.90
N THR B 97 8.25 -22.87 -5.02
CA THR B 97 9.32 -22.57 -4.05
C THR B 97 10.68 -22.70 -4.78
N VAL B 98 10.68 -22.22 -6.03
CA VAL B 98 11.58 -22.71 -7.07
C VAL B 98 13.03 -22.34 -6.84
N GLN B 99 13.79 -23.28 -6.29
CA GLN B 99 15.24 -23.24 -6.40
C GLN B 99 15.72 -23.58 -7.77
N GLU B 100 14.84 -24.02 -8.67
CA GLU B 100 15.30 -24.19 -10.06
C GLU B 100 15.67 -22.87 -10.74
N TRP B 101 14.71 -22.08 -11.22
CA TRP B 101 15.05 -20.74 -11.77
C TRP B 101 16.14 -20.07 -10.98
N VAL B 102 16.01 -20.11 -9.66
CA VAL B 102 17.06 -19.63 -8.78
C VAL B 102 18.37 -20.27 -9.24
N ASP B 103 18.50 -21.59 -9.06
CA ASP B 103 19.71 -22.31 -9.44
C ASP B 103 19.99 -22.14 -10.91
N LYS B 104 19.00 -22.32 -11.77
CA LYS B 104 19.19 -22.10 -13.20
C LYS B 104 19.97 -20.80 -13.44
N ILE B 105 19.57 -19.75 -12.73
CA ILE B 105 20.24 -18.46 -12.82
C ILE B 105 21.55 -18.46 -11.97
N ARG B 106 21.54 -19.06 -10.78
CA ARG B 106 22.77 -19.18 -9.98
C ARG B 106 23.81 -19.79 -10.86
N LYS B 107 23.39 -20.86 -11.55
CA LYS B 107 24.23 -21.63 -12.44
C LYS B 107 24.83 -20.69 -13.48
N GLN B 108 24.01 -19.77 -13.99
CA GLN B 108 24.41 -18.83 -15.04
C GLN B 108 25.41 -17.78 -14.59
N VAL B 109 25.22 -17.15 -13.44
CA VAL B 109 26.13 -16.05 -13.05
C VAL B 109 27.45 -16.63 -12.52
N ALA B 110 27.36 -17.79 -11.89
CA ALA B 110 28.50 -18.35 -11.17
C ALA B 110 29.80 -18.34 -11.95
N PRO B 111 29.79 -18.78 -13.23
CA PRO B 111 31.00 -18.75 -14.07
C PRO B 111 31.67 -17.38 -14.07
N PHE B 112 30.88 -16.33 -14.13
CA PHE B 112 31.40 -14.97 -14.34
C PHE B 112 31.94 -14.38 -13.07
N LEU B 113 31.65 -15.01 -11.92
CA LEU B 113 32.19 -14.58 -10.61
C LEU B 113 32.95 -15.72 -9.97
N ASP B 114 33.73 -15.39 -8.95
CA ASP B 114 34.60 -16.34 -8.31
C ASP B 114 34.22 -16.45 -6.84
N PHE B 115 34.03 -17.67 -6.36
CA PHE B 115 33.50 -17.90 -5.02
C PHE B 115 34.55 -18.27 -3.96
N ASP B 116 35.81 -18.31 -4.36
CA ASP B 116 36.87 -18.63 -3.43
C ASP B 116 38.08 -17.84 -3.81
N CYS B 117 38.06 -16.57 -3.48
CA CYS B 117 39.25 -15.74 -3.60
C CYS B 117 39.33 -15.05 -2.26
N GLY B 118 39.06 -15.84 -1.22
CA GLY B 118 39.09 -15.40 0.18
C GLY B 118 38.01 -14.42 0.60
N GLU B 119 38.44 -13.21 0.95
CA GLU B 119 37.58 -12.20 1.57
C GLU B 119 36.58 -11.53 0.63
N ASN B 120 37.04 -11.16 -0.56
CA ASN B 120 36.17 -10.58 -1.59
C ASN B 120 35.51 -11.65 -2.46
N SER B 121 35.44 -12.88 -1.94
CA SER B 121 34.79 -14.00 -2.62
C SER B 121 33.33 -13.70 -2.89
N ALA B 122 32.82 -14.21 -4.00
CA ALA B 122 31.43 -13.96 -4.39
C ALA B 122 30.46 -14.73 -3.52
N ILE B 123 29.26 -14.17 -3.41
CA ILE B 123 28.16 -14.74 -2.64
C ILE B 123 26.89 -14.69 -3.47
N ALA B 124 26.20 -15.81 -3.54
CA ALA B 124 24.87 -15.85 -4.11
C ALA B 124 23.90 -15.58 -3.00
N ALA B 125 22.69 -15.16 -3.34
CA ALA B 125 21.75 -14.73 -2.34
C ALA B 125 20.37 -14.80 -2.92
N ASN B 126 19.38 -15.08 -2.06
CA ASN B 126 17.97 -15.17 -2.45
C ASN B 126 17.07 -14.35 -1.56
N ASN B 127 16.31 -13.46 -2.16
CA ASN B 127 15.49 -12.57 -1.35
C ASN B 127 14.20 -13.20 -0.81
N TYR B 128 13.95 -14.48 -1.08
CA TYR B 128 12.89 -15.16 -0.33
C TYR B 128 13.29 -15.26 1.15
N ASP B 129 14.59 -15.25 1.42
CA ASP B 129 15.10 -15.32 2.81
C ASP B 129 14.44 -14.32 3.70
N TRP B 130 14.26 -13.11 3.20
CA TRP B 130 13.59 -12.09 3.98
C TRP B 130 12.11 -11.83 3.70
N PHE B 131 11.57 -12.18 2.55
CA PHE B 131 10.14 -11.95 2.34
C PHE B 131 9.28 -13.15 2.75
N GLY B 132 9.88 -14.31 2.88
CA GLY B 132 9.11 -15.55 2.94
C GLY B 132 8.40 -15.67 4.25
N ASN B 133 9.00 -15.07 5.26
CA ASN B 133 8.45 -14.98 6.59
C ASN B 133 8.14 -13.52 6.93
N MET B 134 7.70 -12.74 5.94
CA MET B 134 7.31 -11.37 6.22
C MET B 134 5.81 -11.11 6.09
N ASN B 135 5.24 -10.60 7.16
CA ASN B 135 3.83 -10.28 7.22
C ASN B 135 3.46 -9.04 6.37
N VAL B 136 2.24 -9.07 5.85
CA VAL B 136 1.83 -8.00 4.96
C VAL B 136 1.77 -6.65 5.66
N LEU B 137 1.21 -6.62 6.86
CA LEU B 137 1.07 -5.37 7.64
C LEU B 137 2.42 -4.76 8.00
N THR B 138 3.31 -5.58 8.49
CA THR B 138 4.67 -5.14 8.76
C THR B 138 5.29 -4.53 7.52
N PHE B 139 5.05 -5.13 6.37
CA PHE B 139 5.64 -4.63 5.14
C PHE B 139 5.08 -3.24 4.85
N LEU B 140 3.76 -3.15 4.94
CA LEU B 140 3.08 -1.93 4.59
C LEU B 140 3.45 -0.78 5.51
N ARG B 141 3.70 -1.05 6.79
CA ARG B 141 4.03 0.08 7.68
C ARG B 141 5.52 0.35 7.76
N ASP B 142 6.34 -0.69 7.91
CA ASP B 142 7.79 -0.49 8.08
C ASP B 142 8.45 -0.06 6.78
N ILE B 143 7.97 -0.57 5.66
CA ILE B 143 8.54 -0.25 4.36
C ILE B 143 7.63 0.71 3.60
N GLY B 144 6.33 0.51 3.70
CA GLY B 144 5.40 1.29 2.91
C GLY B 144 5.30 2.77 3.26
N LYS B 145 5.39 3.13 4.54
CA LYS B 145 5.20 4.53 4.92
C LYS B 145 6.23 5.37 4.30
N HIS B 146 7.36 4.78 3.99
CA HIS B 146 8.51 5.52 3.47
C HIS B 146 8.47 5.88 2.00
N PHE B 147 7.37 5.55 1.33
CA PHE B 147 7.27 5.71 -0.11
C PHE B 147 6.06 6.50 -0.39
N SER B 148 6.22 7.42 -1.32
CA SER B 148 5.20 8.38 -1.69
C SER B 148 4.60 7.96 -3.03
N VAL B 149 3.31 7.71 -3.05
CA VAL B 149 2.65 7.28 -4.27
C VAL B 149 2.82 8.36 -5.34
N ASN B 150 2.73 9.62 -4.91
CA ASN B 150 2.92 10.75 -5.82
C ASN B 150 4.21 10.57 -6.58
N GLN B 151 5.29 10.36 -5.84
CA GLN B 151 6.60 10.10 -6.44
C GLN B 151 6.62 8.81 -7.26
N MET B 152 5.95 7.78 -6.76
CA MET B 152 5.99 6.49 -7.42
C MET B 152 5.33 6.48 -8.78
N ILE B 153 4.21 7.17 -8.92
CA ILE B 153 3.58 7.30 -10.22
C ILE B 153 4.29 8.38 -11.01
N ASN B 154 5.52 8.72 -10.62
CA ASN B 154 6.25 9.81 -11.24
C ASN B 154 7.67 9.42 -11.72
N LYS B 155 7.80 8.25 -12.35
CA LYS B 155 9.12 7.75 -12.76
C LYS B 155 9.30 7.63 -14.28
N GLU B 156 8.41 6.88 -14.93
CA GLU B 156 8.30 6.79 -16.40
C GLU B 156 7.08 7.63 -16.76
N ALA B 157 6.46 8.13 -15.69
CA ALA B 157 5.05 7.83 -15.33
C ALA B 157 4.00 7.46 -16.41
N VAL B 158 3.95 6.20 -16.85
CA VAL B 158 3.08 5.88 -18.00
C VAL B 158 1.81 5.06 -17.73
N LYS B 159 0.69 5.72 -18.01
CA LYS B 159 -0.66 5.16 -18.11
C LYS B 159 -1.23 5.54 -19.52
N GLN B 160 -1.86 4.58 -20.20
CA GLN B 160 -2.26 4.75 -21.61
C GLN B 160 -3.21 3.66 -22.07
N GLY B 168 -0.81 -0.28 -18.85
CA GLY B 168 -1.36 -0.59 -17.52
C GLY B 168 -0.34 -1.03 -16.47
N ILE B 169 -0.80 -1.15 -15.24
CA ILE B 169 0.02 -1.73 -14.19
C ILE B 169 -0.89 -2.26 -13.08
N SER B 170 -0.67 -3.52 -12.67
CA SER B 170 -1.29 -4.02 -11.43
C SER B 170 -0.61 -3.45 -10.20
N PHE B 171 -1.36 -3.37 -9.11
CA PHE B 171 -0.82 -2.97 -7.82
C PHE B 171 0.36 -3.86 -7.40
N THR B 172 0.30 -5.13 -7.78
CA THR B 172 1.37 -6.04 -7.46
C THR B 172 2.63 -5.65 -8.19
N GLU B 173 2.48 -5.27 -9.45
CA GLU B 173 3.63 -4.89 -10.25
C GLU B 173 4.18 -3.56 -9.75
N PHE B 174 3.27 -2.70 -9.37
CA PHE B 174 3.60 -1.40 -8.85
C PHE B 174 4.40 -1.48 -7.53
N SER B 175 4.26 -2.57 -6.79
CA SER B 175 4.94 -2.75 -5.53
C SER B 175 6.38 -3.25 -5.66
N TYR B 176 6.78 -3.73 -6.85
CA TYR B 176 8.12 -4.29 -7.05
C TYR B 176 9.20 -3.31 -6.66
N ASN B 177 8.91 -2.03 -6.86
CA ASN B 177 9.82 -0.95 -6.43
C ASN B 177 10.14 -1.01 -4.92
N LEU B 178 9.12 -1.26 -4.11
CA LEU B 178 9.31 -1.45 -2.70
C LEU B 178 10.11 -2.70 -2.37
N LEU B 179 9.78 -3.82 -3.02
CA LEU B 179 10.51 -5.08 -2.76
C LEU B 179 11.95 -4.90 -3.10
N GLN B 180 12.23 -4.23 -4.21
CA GLN B 180 13.60 -4.07 -4.60
C GLN B 180 14.30 -3.01 -3.75
N GLY B 181 13.57 -2.02 -3.27
CA GLY B 181 14.17 -1.10 -2.31
C GLY B 181 14.60 -1.86 -1.06
N TYR B 182 13.73 -2.77 -0.62
CA TYR B 182 13.98 -3.50 0.60
C TYR B 182 15.13 -4.48 0.45
N ASP B 183 15.22 -5.15 -0.71
CA ASP B 183 16.35 -6.05 -1.01
C ASP B 183 17.64 -5.36 -0.64
N PHE B 184 17.75 -4.10 -1.02
CA PHE B 184 18.99 -3.37 -0.83
C PHE B 184 19.23 -3.15 0.65
N ALA B 185 18.20 -2.78 1.41
CA ALA B 185 18.39 -2.60 2.85
C ALA B 185 18.86 -3.88 3.45
N CYS B 186 18.20 -4.98 3.13
CA CYS B 186 18.58 -6.28 3.70
C CYS B 186 20.01 -6.67 3.37
N LEU B 187 20.41 -6.57 2.11
CA LEU B 187 21.80 -6.88 1.80
C LEU B 187 22.80 -5.97 2.52
N ASN B 188 22.43 -4.72 2.76
CA ASN B 188 23.26 -3.80 3.53
C ASN B 188 23.34 -4.21 4.98
N LYS B 189 22.31 -4.86 5.49
CA LYS B 189 22.38 -5.29 6.86
C LYS B 189 23.09 -6.61 6.92
N GLN B 190 22.76 -7.51 6.01
CA GLN B 190 23.21 -8.90 6.13
C GLN B 190 24.69 -8.97 5.80
N TYR B 191 25.09 -8.40 4.69
CA TYR B 191 26.44 -8.52 4.23
C TYR B 191 27.14 -7.16 4.06
N GLY B 192 26.61 -6.10 4.63
CA GLY B 192 27.31 -4.83 4.50
C GLY B 192 27.42 -4.27 3.09
N VAL B 193 26.59 -4.72 2.15
CA VAL B 193 26.59 -4.13 0.82
C VAL B 193 26.30 -2.62 0.91
N VAL B 194 27.06 -1.84 0.15
CA VAL B 194 26.86 -0.41 0.05
C VAL B 194 26.80 0.10 -1.39
N LEU B 195 26.73 -0.81 -2.36
CA LEU B 195 26.60 -0.42 -3.74
C LEU B 195 25.72 -1.41 -4.44
N GLN B 196 24.74 -0.92 -5.18
CA GLN B 196 23.95 -1.76 -6.06
C GLN B 196 24.19 -1.26 -7.48
N ILE B 197 24.40 -2.21 -8.41
CA ILE B 197 24.51 -1.88 -9.83
C ILE B 197 23.48 -2.66 -10.58
N GLY B 198 23.22 -2.19 -11.78
CA GLY B 198 22.20 -2.77 -12.62
C GLY B 198 22.02 -1.94 -13.88
N GLY B 199 21.23 -2.48 -14.78
CA GLY B 199 20.88 -1.77 -16.01
C GLY B 199 20.35 -0.38 -15.74
N SER B 200 20.43 0.48 -16.74
CA SER B 200 20.08 1.88 -16.56
C SER B 200 18.60 2.07 -16.24
N ASP B 201 17.81 1.04 -16.53
CA ASP B 201 16.37 1.07 -16.32
C ASP B 201 16.00 0.91 -14.87
N GLN B 202 17.00 0.62 -14.04
CA GLN B 202 16.79 0.35 -12.64
C GLN B 202 17.11 1.55 -11.75
N TRP B 203 17.28 2.73 -12.33
CA TRP B 203 17.72 3.87 -11.53
C TRP B 203 16.73 4.09 -10.37
N GLY B 204 15.44 4.15 -10.67
CA GLY B 204 14.41 4.42 -9.67
C GLY B 204 14.44 3.40 -8.55
N ASN B 205 14.51 2.13 -8.94
CA ASN B 205 14.54 1.05 -7.96
C ASN B 205 15.77 1.10 -7.06
N ILE B 206 16.90 1.50 -7.63
CA ILE B 206 18.16 1.63 -6.91
C ILE B 206 18.14 2.80 -5.90
N THR B 207 17.75 3.97 -6.38
CA THR B 207 17.60 5.13 -5.52
C THR B 207 16.52 4.94 -4.45
N SER B 208 15.48 4.16 -4.74
CA SER B 208 14.53 3.78 -3.70
C SER B 208 15.21 2.97 -2.59
N GLY B 209 16.07 2.06 -2.98
CA GLY B 209 16.78 1.23 -2.00
C GLY B 209 17.77 2.05 -1.20
N ILE B 210 18.37 3.05 -1.84
CA ILE B 210 19.26 3.95 -1.14
C ILE B 210 18.50 4.68 -0.03
N ASP B 211 17.45 5.40 -0.40
CA ASP B 211 16.63 6.14 0.57
C ASP B 211 16.13 5.23 1.67
N LEU B 212 15.76 4.02 1.33
CA LEU B 212 15.20 3.12 2.33
C LEU B 212 16.29 2.60 3.29
N THR B 213 17.51 2.56 2.81
CA THR B 213 18.57 2.05 3.62
C THR B 213 18.96 3.12 4.62
N ARG B 214 18.94 4.38 4.18
CA ARG B 214 18.99 5.53 5.04
C ARG B 214 18.03 5.41 6.20
N ARG B 215 16.78 5.14 5.88
CA ARG B 215 15.73 5.20 6.88
C ARG B 215 15.71 4.04 7.87
N LEU B 216 15.96 2.83 7.42
CA LEU B 216 15.90 1.68 8.28
C LEU B 216 17.16 1.43 9.07
N HIS B 217 18.30 1.64 8.43
CA HIS B 217 19.61 1.26 8.97
C HIS B 217 20.56 2.45 9.14
N GLN B 218 20.08 3.65 8.84
CA GLN B 218 20.86 4.88 9.03
C GLN B 218 22.22 4.90 8.32
N ASN B 219 22.36 4.14 7.22
CA ASN B 219 23.64 4.04 6.46
C ASN B 219 23.57 4.73 5.07
N GLN B 220 24.72 5.15 4.59
CA GLN B 220 24.81 5.70 3.25
C GLN B 220 25.26 4.60 2.32
N VAL B 221 24.49 4.39 1.25
CA VAL B 221 24.82 3.43 0.22
C VAL B 221 24.69 4.06 -1.14
N PHE B 222 25.29 3.43 -2.13
CA PHE B 222 25.43 4.03 -3.45
C PHE B 222 24.81 3.20 -4.56
N GLY B 223 24.48 3.89 -5.65
CA GLY B 223 23.92 3.25 -6.82
C GLY B 223 24.68 3.62 -8.07
N LEU B 224 24.75 2.68 -9.00
CA LEU B 224 25.47 2.88 -10.26
C LEU B 224 24.81 2.05 -11.33
N THR B 225 24.40 2.67 -12.41
CA THR B 225 23.82 1.94 -13.52
C THR B 225 24.72 1.86 -14.74
N VAL B 226 24.45 0.84 -15.54
CA VAL B 226 25.21 0.53 -16.77
C VAL B 226 24.26 0.51 -17.94
N PRO B 227 24.79 0.81 -19.13
CA PRO B 227 24.05 0.84 -20.38
C PRO B 227 23.33 -0.47 -20.72
N LEU B 228 22.17 -0.38 -21.34
CA LEU B 228 21.45 -1.54 -21.82
C LEU B 228 21.97 -1.86 -23.22
N ILE B 229 21.49 -2.97 -23.79
CA ILE B 229 21.50 -3.18 -25.25
C ILE B 229 20.18 -3.80 -25.74
N THR B 230 19.45 -3.02 -26.54
CA THR B 230 18.10 -3.38 -27.00
C THR B 230 17.82 -2.79 -28.39
N GLY B 243 14.14 -10.92 -31.64
CA GLY B 243 13.94 -11.46 -30.29
C GLY B 243 15.14 -11.29 -29.37
N ALA B 244 14.93 -11.53 -28.08
CA ALA B 244 16.01 -11.44 -27.09
C ALA B 244 17.07 -12.52 -27.35
N VAL B 245 18.33 -12.16 -27.12
CA VAL B 245 19.44 -13.08 -27.31
C VAL B 245 19.79 -13.76 -25.96
N TRP B 246 19.37 -15.01 -25.79
CA TRP B 246 19.49 -15.70 -24.50
C TRP B 246 20.84 -16.36 -24.29
N LEU B 247 21.24 -16.50 -23.02
CA LEU B 247 22.52 -17.17 -22.63
C LEU B 247 22.49 -18.70 -22.72
N ASP B 248 21.35 -19.28 -22.34
CA ASP B 248 21.12 -20.73 -22.40
C ASP B 248 21.21 -21.29 -23.84
N PRO B 249 22.05 -22.32 -24.07
CA PRO B 249 22.25 -22.86 -25.45
C PRO B 249 20.99 -23.45 -26.12
N LYS B 250 20.02 -23.87 -25.32
CA LYS B 250 18.75 -24.36 -25.87
C LYS B 250 17.83 -23.20 -26.28
N LYS B 251 17.81 -22.11 -25.51
CA LYS B 251 17.05 -20.92 -25.90
C LYS B 251 17.69 -20.26 -27.12
N THR B 252 18.98 -19.91 -27.05
CA THR B 252 19.72 -19.47 -28.25
C THR B 252 21.01 -20.28 -28.42
N SER B 253 21.26 -20.77 -29.62
CA SER B 253 22.40 -21.62 -29.89
C SER B 253 23.67 -20.82 -30.05
N PRO B 254 24.81 -21.40 -29.67
CA PRO B 254 26.09 -20.71 -29.86
C PRO B 254 26.30 -20.20 -31.30
N TYR B 255 25.84 -20.94 -32.29
CA TYR B 255 25.92 -20.46 -33.65
C TYR B 255 25.17 -19.13 -33.75
N LYS B 256 23.92 -19.13 -33.31
CA LYS B 256 23.07 -17.96 -33.41
C LYS B 256 23.62 -16.80 -32.59
N PHE B 257 24.21 -17.13 -31.44
CA PHE B 257 24.79 -16.14 -30.53
C PHE B 257 25.94 -15.51 -31.28
N TYR B 258 26.85 -16.36 -31.75
CA TYR B 258 28.05 -15.92 -32.44
C TYR B 258 27.66 -15.01 -33.60
N GLN B 259 26.60 -15.37 -34.30
CA GLN B 259 26.20 -14.65 -35.52
C GLN B 259 25.61 -13.28 -35.22
N PHE B 260 24.86 -13.21 -34.13
CA PHE B 260 24.37 -11.95 -33.62
C PHE B 260 25.52 -11.01 -33.30
N ALA B 261 26.52 -11.53 -32.59
CA ALA B 261 27.68 -10.75 -32.26
C ALA B 261 28.41 -10.28 -33.50
N ILE B 262 28.60 -11.18 -34.46
CA ILE B 262 29.45 -10.90 -35.63
C ILE B 262 28.80 -9.96 -36.63
N ASN B 263 27.49 -9.79 -36.51
CA ASN B 263 26.80 -8.81 -37.33
C ASN B 263 26.57 -7.49 -36.60
N ALA B 264 27.20 -7.29 -35.43
CA ALA B 264 27.06 -5.99 -34.75
C ALA B 264 27.35 -4.87 -35.72
N ALA B 265 26.54 -3.83 -35.68
CA ALA B 265 26.76 -2.67 -36.56
C ALA B 265 28.06 -1.95 -36.23
N ASP B 266 28.72 -1.44 -37.26
CA ASP B 266 29.97 -0.69 -37.07
C ASP B 266 29.84 0.30 -35.91
N ALA B 267 28.67 0.93 -35.85
CA ALA B 267 28.36 1.93 -34.82
C ALA B 267 28.35 1.40 -33.39
N ASP B 268 27.93 0.15 -33.20
CA ASP B 268 27.75 -0.40 -31.84
C ASP B 268 28.94 -1.24 -31.34
N VAL B 269 29.69 -1.79 -32.30
CA VAL B 269 30.64 -2.85 -31.99
C VAL B 269 31.73 -2.46 -31.00
N TYR B 270 32.25 -1.24 -31.09
CA TYR B 270 33.29 -0.77 -30.16
C TYR B 270 32.74 -0.59 -28.78
N ARG B 271 31.57 0.02 -28.67
CA ARG B 271 30.90 0.07 -27.37
C ARG B 271 30.70 -1.35 -26.78
N TRP B 272 30.20 -2.28 -27.60
CA TRP B 272 29.86 -3.60 -27.10
C TRP B 272 31.09 -4.38 -26.73
N LEU B 273 32.17 -4.25 -27.51
CA LEU B 273 33.45 -4.73 -27.04
C LEU B 273 33.77 -4.17 -25.64
N LYS B 274 33.49 -2.90 -25.41
CA LYS B 274 33.72 -2.33 -24.06
C LYS B 274 32.78 -2.91 -22.98
N PHE B 275 31.52 -3.13 -23.33
CA PHE B 275 30.56 -3.58 -22.34
C PHE B 275 30.65 -5.06 -22.14
N GLY B 276 30.92 -5.79 -23.20
CA GLY B 276 30.87 -7.22 -23.13
C GLY B 276 32.18 -7.97 -23.06
N THR B 277 33.34 -7.30 -23.06
CA THR B 277 34.64 -8.01 -22.95
C THR B 277 35.53 -7.58 -21.83
N PHE B 278 36.53 -8.42 -21.55
CA PHE B 278 37.62 -8.06 -20.62
C PHE B 278 38.83 -7.52 -21.33
N MET B 279 38.57 -7.05 -22.53
CA MET B 279 39.57 -6.57 -23.42
C MET B 279 39.90 -5.19 -22.93
N SER B 280 41.17 -4.87 -22.80
CA SER B 280 41.59 -3.53 -22.41
C SER B 280 41.02 -2.44 -23.32
N ILE B 281 40.79 -1.28 -22.73
CA ILE B 281 40.33 -0.13 -23.46
C ILE B 281 41.36 0.28 -24.48
N GLU B 282 42.63 0.03 -24.15
CA GLU B 282 43.75 0.40 -25.03
C GLU B 282 43.66 -0.43 -26.29
N GLU B 283 43.50 -1.73 -26.07
CA GLU B 283 43.42 -2.65 -27.19
C GLU B 283 42.20 -2.30 -28.04
N ILE B 284 41.07 -2.03 -27.41
CA ILE B 284 39.83 -1.76 -28.15
C ILE B 284 39.98 -0.48 -28.98
N ASN B 285 40.58 0.53 -28.37
CA ASN B 285 40.86 1.78 -29.05
C ASN B 285 41.78 1.54 -30.24
N ALA B 286 42.78 0.67 -30.07
CA ALA B 286 43.67 0.27 -31.19
C ALA B 286 42.93 -0.46 -32.32
N LEU B 287 41.94 -1.24 -31.96
CA LEU B 287 41.15 -1.92 -32.96
C LEU B 287 40.36 -0.92 -33.78
N GLU B 288 39.66 -0.04 -33.08
CA GLU B 288 38.94 1.04 -33.71
C GLU B 288 39.88 1.77 -34.69
N GLU B 289 41.06 2.12 -34.21
CA GLU B 289 42.07 2.81 -35.01
C GLU B 289 42.42 2.13 -36.31
N GLU B 290 42.82 0.87 -36.22
CA GLU B 290 43.17 0.14 -37.41
C GLU B 290 41.97 0.04 -38.37
N ASP B 291 40.80 -0.23 -37.80
CA ASP B 291 39.55 -0.37 -38.58
C ASP B 291 39.22 0.89 -39.38
N LYS B 292 39.51 2.04 -38.76
CA LYS B 292 39.31 3.36 -39.32
C LYS B 292 40.30 3.72 -40.44
N ASN B 293 41.56 3.32 -40.26
CA ASN B 293 42.66 3.72 -41.16
C ASN B 293 42.91 2.78 -42.32
N SER B 294 42.55 1.50 -42.18
CA SER B 294 42.82 0.49 -43.20
C SER B 294 42.00 0.66 -44.46
N GLY B 295 42.35 -0.16 -45.45
CA GLY B 295 41.44 -0.51 -46.59
C GLY B 295 39.95 -0.52 -46.31
N LYS B 296 39.57 -0.51 -45.03
CA LYS B 296 38.17 -0.38 -44.59
C LYS B 296 37.51 -1.76 -44.63
N ALA B 297 38.23 -2.74 -44.07
CA ALA B 297 37.66 -3.97 -43.56
C ALA B 297 37.59 -3.79 -42.07
N PRO B 298 36.41 -3.97 -41.47
CA PRO B 298 36.43 -3.90 -40.00
C PRO B 298 36.68 -5.28 -39.38
N ARG B 299 37.72 -5.40 -38.56
CA ARG B 299 38.03 -6.67 -37.90
C ARG B 299 37.31 -6.86 -36.56
N ALA B 300 36.71 -5.78 -36.03
CA ALA B 300 36.18 -5.79 -34.65
C ALA B 300 35.01 -6.73 -34.41
N GLN B 301 34.11 -6.85 -35.39
CA GLN B 301 32.97 -7.73 -35.21
C GLN B 301 33.46 -9.12 -34.93
N TYR B 302 34.41 -9.55 -35.74
CA TYR B 302 34.97 -10.89 -35.63
C TYR B 302 35.62 -11.10 -34.26
N VAL B 303 36.40 -10.11 -33.84
CA VAL B 303 37.06 -10.13 -32.53
C VAL B 303 36.05 -10.08 -31.40
N BIF B 304 35.01 -9.27 -31.61
CA BIF B 304 33.94 -9.22 -30.62
C BIF B 304 33.33 -10.59 -30.45
CB BIF B 304 32.91 -8.17 -31.01
CG BIF B 304 31.75 -8.22 -30.04
CD2 BIF B 304 30.46 -8.42 -30.51
CE2 BIF B 304 29.39 -8.44 -29.62
CZ BIF B 304 29.57 -8.25 -28.25
CE1 BIF B 304 30.88 -8.05 -27.79
CD1 BIF B 304 31.94 -8.04 -28.68
C8 BIF B 304 26.14 -8.97 -26.74
C9 BIF B 304 26.25 -8.41 -25.48
C10 BIF B 304 27.44 -7.79 -25.13
C11 BIF B 304 28.50 -7.73 -26.02
C12 BIF B 304 28.42 -8.29 -27.29
C13 BIF B 304 27.22 -8.92 -27.63
O BIF B 304 33.27 -11.13 -29.35
N ALA B 305 32.88 -11.16 -31.57
CA ALA B 305 32.06 -12.37 -31.59
C ALA B 305 32.79 -13.52 -30.94
N GLU B 306 34.06 -13.59 -31.22
CA GLU B 306 34.95 -14.56 -30.61
C GLU B 306 35.07 -14.44 -29.07
N GLN B 307 35.25 -13.23 -28.60
CA GLN B 307 35.44 -12.99 -27.21
C GLN B 307 34.19 -13.33 -26.47
N VAL B 308 33.05 -12.80 -26.89
CA VAL B 308 31.82 -13.00 -26.08
C VAL B 308 31.27 -14.44 -26.14
N THR B 309 31.39 -15.08 -27.28
CA THR B 309 30.92 -16.45 -27.40
C THR B 309 31.75 -17.35 -26.46
N ARG B 310 33.06 -17.20 -26.49
CA ARG B 310 33.92 -17.97 -25.60
C ARG B 310 33.52 -17.69 -24.18
N LEU B 311 33.16 -16.46 -23.95
CA LEU B 311 32.83 -16.05 -22.63
C LEU B 311 31.54 -16.74 -22.16
N VAL B 312 30.48 -16.58 -22.93
CA VAL B 312 29.21 -17.17 -22.57
C VAL B 312 29.17 -18.70 -22.71
N HIS B 313 29.73 -19.23 -23.80
CA HIS B 313 29.58 -20.66 -24.14
C HIS B 313 30.85 -21.52 -24.08
N GLY B 314 31.97 -20.96 -23.64
CA GLY B 314 33.24 -21.68 -23.60
C GLY B 314 33.89 -21.87 -24.97
N GLU B 315 35.08 -22.46 -24.98
CA GLU B 315 35.80 -22.76 -26.21
C GLU B 315 34.98 -23.64 -27.11
N GLU B 316 34.54 -24.77 -26.56
CA GLU B 316 33.88 -25.76 -27.42
C GLU B 316 32.66 -25.12 -28.06
N GLY B 317 31.99 -24.26 -27.28
CA GLY B 317 30.88 -23.48 -27.79
C GLY B 317 31.31 -22.59 -28.94
N LEU B 318 32.42 -21.90 -28.76
CA LEU B 318 32.95 -21.01 -29.78
C LEU B 318 33.44 -21.79 -31.00
N GLN B 319 33.96 -22.97 -30.77
CA GLN B 319 34.44 -23.73 -31.91
C GLN B 319 33.26 -24.23 -32.76
N ALA B 320 32.21 -24.69 -32.10
CA ALA B 320 31.02 -25.10 -32.81
C ALA B 320 30.52 -24.00 -33.71
N ALA B 321 30.41 -22.78 -33.19
CA ALA B 321 29.82 -21.71 -33.99
C ALA B 321 30.70 -21.45 -35.17
N LYS B 322 32.00 -21.47 -34.94
CA LYS B 322 32.97 -21.23 -35.99
C LYS B 322 32.95 -22.36 -37.01
N ARG B 323 32.72 -23.58 -36.53
CA ARG B 323 32.71 -24.74 -37.39
C ARG B 323 31.41 -24.71 -38.24
N ILE B 324 30.30 -24.35 -37.59
CA ILE B 324 29.00 -24.30 -38.23
C ILE B 324 28.94 -23.15 -39.22
N THR B 325 29.37 -21.99 -38.75
CA THR B 325 29.41 -20.82 -39.61
C THR B 325 30.27 -21.01 -40.91
N GLU B 326 31.36 -21.76 -40.83
CA GLU B 326 32.24 -21.91 -42.01
C GLU B 326 31.78 -22.99 -42.98
N CYS B 327 31.22 -24.07 -42.43
CA CYS B 327 30.57 -25.06 -43.27
C CYS B 327 29.45 -24.43 -44.06
N LEU B 328 28.60 -23.65 -43.41
CA LEU B 328 27.57 -22.91 -44.12
C LEU B 328 28.19 -21.92 -45.09
N PHE B 329 29.32 -21.33 -44.71
CA PHE B 329 29.92 -20.33 -45.58
C PHE B 329 30.21 -20.94 -46.93
N SER B 330 30.96 -22.03 -46.91
CA SER B 330 31.00 -22.86 -48.08
C SER B 330 31.17 -24.32 -47.81
N GLY B 331 30.37 -25.04 -48.58
CA GLY B 331 30.70 -26.34 -49.03
C GLY B 331 30.33 -27.45 -48.10
N SER B 332 31.36 -27.99 -47.46
CA SER B 332 31.31 -29.32 -46.89
C SER B 332 30.71 -29.28 -45.51
N LEU B 333 29.98 -30.32 -45.18
CA LEU B 333 29.43 -30.51 -43.87
C LEU B 333 30.05 -31.77 -43.26
N SER B 334 31.19 -32.20 -43.80
CA SER B 334 31.86 -33.36 -43.26
C SER B 334 32.42 -32.97 -41.89
N ALA B 335 32.55 -31.67 -41.62
CA ALA B 335 32.90 -31.18 -40.27
C ALA B 335 31.76 -31.21 -39.26
N LEU B 336 30.52 -31.09 -39.72
CA LEU B 336 29.38 -31.05 -38.83
C LEU B 336 29.12 -32.39 -38.15
N SER B 337 28.25 -32.36 -37.15
CA SER B 337 28.08 -33.47 -36.26
C SER B 337 26.64 -33.48 -35.87
N GLU B 338 26.17 -34.59 -35.36
CA GLU B 338 24.82 -34.63 -34.85
C GLU B 338 24.57 -33.46 -33.87
N ALA B 339 25.60 -33.00 -33.18
CA ALA B 339 25.42 -31.87 -32.28
C ALA B 339 25.16 -30.62 -33.08
N ASP B 340 26.04 -30.35 -34.03
CA ASP B 340 25.95 -29.09 -34.72
C ASP B 340 24.57 -28.94 -35.31
N PHE B 341 24.21 -29.89 -36.17
CA PHE B 341 22.93 -29.87 -36.82
C PHE B 341 21.80 -29.50 -35.86
N GLU B 342 21.77 -30.13 -34.69
CA GLU B 342 20.72 -29.83 -33.71
C GLU B 342 20.64 -28.32 -33.53
N GLN B 343 21.79 -27.65 -33.50
CA GLN B 343 21.86 -26.18 -33.48
C GLN B 343 21.23 -25.51 -34.73
N LEU B 344 21.51 -26.01 -35.94
CA LEU B 344 20.87 -25.48 -37.14
C LEU B 344 19.37 -25.71 -37.09
N ALA B 345 18.98 -26.90 -36.73
CA ALA B 345 17.56 -27.19 -36.54
C ALA B 345 16.94 -26.23 -35.54
N GLN B 346 17.55 -26.14 -34.36
CA GLN B 346 17.01 -25.34 -33.26
C GLN B 346 16.81 -23.87 -33.60
N ASP B 347 17.70 -23.30 -34.41
CA ASP B 347 17.59 -21.93 -34.89
C ASP B 347 18.79 -21.72 -35.81
N GLY B 348 18.91 -20.57 -36.43
CA GLY B 348 20.13 -20.38 -37.22
C GLY B 348 20.08 -20.80 -38.69
N VAL B 349 19.33 -21.84 -39.05
CA VAL B 349 18.77 -21.87 -40.43
C VAL B 349 17.31 -22.26 -40.38
N PRO B 350 16.58 -22.03 -41.47
CA PRO B 350 15.21 -22.52 -41.50
C PRO B 350 15.21 -24.04 -41.70
N MET B 351 14.28 -24.75 -41.06
CA MET B 351 14.27 -26.21 -41.20
C MET B 351 12.86 -26.79 -41.34
N VAL B 352 12.80 -27.99 -41.90
CA VAL B 352 11.56 -28.75 -42.00
C VAL B 352 11.77 -30.24 -41.86
N GLU B 353 10.67 -30.93 -41.52
CA GLU B 353 10.63 -32.40 -41.44
C GLU B 353 9.82 -33.01 -42.59
N MET B 354 10.51 -33.58 -43.58
CA MET B 354 9.85 -34.32 -44.66
C MET B 354 10.47 -35.74 -44.87
N GLU B 355 9.62 -36.77 -44.98
CA GLU B 355 10.09 -38.16 -45.18
C GLU B 355 8.98 -38.98 -45.78
N UNK B 356 5.84 -22.41 -55.26
CA UNK B 356 5.26 -23.80 -55.44
C UNK B 356 6.03 -24.67 -56.48
N UNK B 357 5.32 -25.49 -57.28
CA UNK B 357 5.96 -26.64 -57.99
C UNK B 357 6.95 -26.33 -59.15
N UNK B 358 6.96 -25.08 -59.60
CA UNK B 358 7.93 -24.54 -60.58
C UNK B 358 9.25 -25.25 -60.44
N UNK B 359 9.67 -25.35 -59.17
CA UNK B 359 11.05 -25.75 -58.77
C UNK B 359 11.78 -26.74 -59.67
N UNK B 360 11.03 -27.61 -60.34
CA UNK B 360 11.62 -28.43 -61.39
C UNK B 360 12.57 -27.55 -62.23
N UNK B 361 12.07 -26.37 -62.61
CA UNK B 361 12.81 -25.38 -63.45
C UNK B 361 14.07 -24.86 -62.72
N UNK B 362 13.90 -24.48 -61.45
CA UNK B 362 15.04 -24.15 -60.63
C UNK B 362 15.96 -25.39 -60.56
N UNK B 363 15.44 -26.54 -60.09
CA UNK B 363 16.28 -27.73 -59.82
C UNK B 363 17.15 -28.06 -61.03
N UNK B 364 16.59 -27.80 -62.22
CA UNK B 364 17.33 -27.90 -63.49
C UNK B 364 18.26 -26.69 -63.67
N UNK B 365 17.91 -25.56 -63.04
CA UNK B 365 18.79 -24.39 -62.99
C UNK B 365 20.24 -24.71 -62.58
N UNK B 366 20.42 -25.75 -61.73
CA UNK B 366 21.74 -26.22 -61.21
C UNK B 366 22.21 -25.45 -59.98
N UNK B 367 21.28 -24.72 -59.35
CA UNK B 367 21.57 -23.87 -58.19
C UNK B 367 20.71 -24.23 -56.96
N UNK B 368 20.12 -25.43 -56.97
CA UNK B 368 19.56 -26.01 -55.77
C UNK B 368 20.55 -27.12 -55.40
N UNK B 369 21.35 -26.88 -54.36
CA UNK B 369 22.46 -27.76 -53.97
C UNK B 369 22.21 -28.41 -52.62
N UNK B 370 21.95 -29.73 -52.59
CA UNK B 370 21.86 -30.51 -51.33
C UNK B 370 23.28 -30.91 -50.92
N UNK B 371 24.14 -29.90 -50.79
CA UNK B 371 25.58 -30.02 -50.92
C UNK B 371 25.96 -30.60 -52.32
N UNK B 372 25.31 -30.09 -53.38
CA UNK B 372 25.66 -30.44 -54.79
C UNK B 372 27.00 -29.83 -55.21
N ARG B 373 20.61 -40.12 -52.32
CA ARG B 373 21.03 -41.49 -51.98
C ARG B 373 21.44 -41.52 -50.52
N LEU B 374 20.84 -42.44 -49.77
CA LEU B 374 20.47 -42.14 -48.40
C LEU B 374 21.58 -41.54 -47.56
N PHE B 375 21.26 -40.38 -47.01
CA PHE B 375 22.03 -39.83 -45.95
C PHE B 375 21.34 -38.63 -45.34
N GLY B 376 21.91 -38.27 -44.20
CA GLY B 376 22.04 -36.90 -43.70
C GLY B 376 22.77 -37.14 -42.37
N ARG B 377 22.10 -36.73 -41.30
CA ARG B 377 21.27 -37.67 -40.54
C ARG B 377 19.87 -36.98 -40.62
N PHE B 378 19.88 -35.93 -41.42
CA PHE B 378 18.75 -35.24 -41.97
C PHE B 378 19.60 -34.33 -42.92
N THR B 379 19.05 -33.41 -43.71
CA THR B 379 19.97 -32.58 -44.56
C THR B 379 19.54 -31.17 -44.94
N LEU B 380 20.42 -30.54 -45.71
CA LEU B 380 20.39 -29.12 -46.00
C LEU B 380 20.56 -28.89 -47.49
N LEU B 381 19.79 -27.95 -47.99
CA LEU B 381 19.92 -27.47 -49.35
C LEU B 381 19.89 -25.96 -49.33
N ARG B 382 20.54 -25.36 -50.32
CA ARG B 382 20.50 -23.93 -50.52
C ARG B 382 20.19 -23.59 -51.96
N ARG B 383 19.50 -22.47 -52.13
CA ARG B 383 19.26 -21.93 -53.45
C ARG B 383 20.30 -20.84 -53.70
N GLY B 384 21.09 -21.00 -54.77
CA GLY B 384 22.04 -19.99 -55.23
C GLY B 384 22.83 -19.27 -54.14
N LYS B 385 23.71 -19.99 -53.45
CA LYS B 385 24.75 -19.38 -52.60
C LYS B 385 24.24 -18.57 -51.39
N LYS B 386 22.95 -18.56 -51.13
CA LYS B 386 22.44 -17.71 -50.06
C LYS B 386 21.35 -18.36 -49.24
N ASN B 387 20.33 -18.94 -49.90
CA ASN B 387 19.09 -19.30 -49.20
C ASN B 387 18.99 -20.76 -48.79
N TYR B 388 18.98 -20.97 -47.48
CA TYR B 388 19.08 -22.28 -46.90
C TYR B 388 17.74 -22.80 -46.43
N CYS B 389 17.57 -24.11 -46.48
CA CYS B 389 16.66 -24.77 -45.57
C CYS B 389 17.21 -26.13 -45.23
N LEU B 390 16.89 -26.56 -44.01
CA LEU B 390 17.34 -27.83 -43.43
C LEU B 390 16.23 -28.87 -43.41
N ILE B 391 16.37 -29.86 -44.28
CA ILE B 391 15.50 -31.03 -44.27
C ILE B 391 15.91 -31.93 -43.12
N CYS B 392 14.97 -32.16 -42.21
CA CYS B 392 15.14 -33.14 -41.18
C CYS B 392 14.26 -34.34 -41.49
N TRP B 393 14.78 -35.28 -42.28
CA TRP B 393 13.98 -36.40 -42.71
C TRP B 393 13.32 -37.06 -41.51
N LYS B 394 12.00 -36.81 -41.42
CA LYS B 394 11.16 -36.96 -40.21
C LYS B 394 11.92 -36.72 -38.93
N TYR C . -12.60 2.16 6.29
CA TYR C . -13.55 2.32 7.43
C TYR C . -13.38 3.71 8.11
O TYR C . -12.25 4.21 8.21
CB TYR C . -13.40 1.18 8.46
CG TYR C . -13.42 -0.23 7.84
CD1 TYR C . -14.51 -0.66 7.11
CD2 TYR C . -12.35 -1.12 8.02
CE1 TYR C . -14.54 -1.93 6.56
CE2 TYR C . -12.37 -2.40 7.46
CZ TYR C . -13.47 -2.81 6.71
OH TYR C . -13.56 -4.05 6.11
OXT TYR C . -14.34 4.37 8.54
#